data_1VE8
# 
_entry.id   1VE8 
# 
_audit_conform.dict_name       mmcif_pdbx.dic 
_audit_conform.dict_version    5.383 
_audit_conform.dict_location   http://mmcif.pdb.org/dictionaries/ascii/mmcif_pdbx.dic 
# 
loop_
_database_2.database_id 
_database_2.database_code 
_database_2.pdbx_database_accession 
_database_2.pdbx_DOI 
PDB   1VE8         pdb_00001ve8 10.2210/pdb1ve8/pdb 
NDB   BD0072       ?            ?                   
RCSB  RCSB006518   ?            ?                   
WWPDB D_1000006518 ?            ?                   
# 
loop_
_pdbx_audit_revision_history.ordinal 
_pdbx_audit_revision_history.data_content_type 
_pdbx_audit_revision_history.major_revision 
_pdbx_audit_revision_history.minor_revision 
_pdbx_audit_revision_history.revision_date 
1 'Structure model' 1 0 2005-06-28 
2 'Structure model' 1 1 2008-04-27 
3 'Structure model' 1 2 2011-07-13 
4 'Structure model' 1 3 2023-12-27 
# 
_pdbx_audit_revision_details.ordinal             1 
_pdbx_audit_revision_details.revision_ordinal    1 
_pdbx_audit_revision_details.data_content_type   'Structure model' 
_pdbx_audit_revision_details.provider            repository 
_pdbx_audit_revision_details.type                'Initial release' 
_pdbx_audit_revision_details.description         ? 
_pdbx_audit_revision_details.details             ? 
# 
loop_
_pdbx_audit_revision_group.ordinal 
_pdbx_audit_revision_group.revision_ordinal 
_pdbx_audit_revision_group.data_content_type 
_pdbx_audit_revision_group.group 
1 2 'Structure model' 'Version format compliance' 
2 3 'Structure model' 'Version format compliance' 
3 4 'Structure model' 'Data collection'           
4 4 'Structure model' 'Database references'       
5 4 'Structure model' 'Derived calculations'      
# 
loop_
_pdbx_audit_revision_category.ordinal 
_pdbx_audit_revision_category.revision_ordinal 
_pdbx_audit_revision_category.data_content_type 
_pdbx_audit_revision_category.category 
1 4 'Structure model' chem_comp_atom         
2 4 'Structure model' chem_comp_bond         
3 4 'Structure model' database_2             
4 4 'Structure model' pdbx_struct_conn_angle 
5 4 'Structure model' struct_conn            
6 4 'Structure model' struct_site            
# 
loop_
_pdbx_audit_revision_item.ordinal 
_pdbx_audit_revision_item.revision_ordinal 
_pdbx_audit_revision_item.data_content_type 
_pdbx_audit_revision_item.item 
1  4 'Structure model' '_database_2.pdbx_DOI'                        
2  4 'Structure model' '_database_2.pdbx_database_accession'         
3  4 'Structure model' '_pdbx_struct_conn_angle.ptnr1_auth_asym_id'  
4  4 'Structure model' '_pdbx_struct_conn_angle.ptnr1_auth_comp_id'  
5  4 'Structure model' '_pdbx_struct_conn_angle.ptnr1_auth_seq_id'   
6  4 'Structure model' '_pdbx_struct_conn_angle.ptnr1_label_asym_id' 
7  4 'Structure model' '_pdbx_struct_conn_angle.ptnr1_label_atom_id' 
8  4 'Structure model' '_pdbx_struct_conn_angle.ptnr1_label_comp_id' 
9  4 'Structure model' '_pdbx_struct_conn_angle.ptnr1_label_seq_id'  
10 4 'Structure model' '_pdbx_struct_conn_angle.ptnr3_auth_asym_id'  
11 4 'Structure model' '_pdbx_struct_conn_angle.ptnr3_auth_comp_id'  
12 4 'Structure model' '_pdbx_struct_conn_angle.ptnr3_auth_seq_id'   
13 4 'Structure model' '_pdbx_struct_conn_angle.ptnr3_label_asym_id' 
14 4 'Structure model' '_pdbx_struct_conn_angle.ptnr3_label_atom_id' 
15 4 'Structure model' '_pdbx_struct_conn_angle.ptnr3_label_comp_id' 
16 4 'Structure model' '_pdbx_struct_conn_angle.ptnr3_label_seq_id'  
17 4 'Structure model' '_pdbx_struct_conn_angle.value'               
18 4 'Structure model' '_struct_conn.pdbx_dist_value'                
19 4 'Structure model' '_struct_conn.pdbx_leaving_atom_flag'         
20 4 'Structure model' '_struct_conn.ptnr1_auth_asym_id'             
21 4 'Structure model' '_struct_conn.ptnr1_auth_comp_id'             
22 4 'Structure model' '_struct_conn.ptnr1_auth_seq_id'              
23 4 'Structure model' '_struct_conn.ptnr1_label_asym_id'            
24 4 'Structure model' '_struct_conn.ptnr1_label_atom_id'            
25 4 'Structure model' '_struct_conn.ptnr1_label_comp_id'            
26 4 'Structure model' '_struct_conn.ptnr1_label_seq_id'             
27 4 'Structure model' '_struct_conn.ptnr2_auth_asym_id'             
28 4 'Structure model' '_struct_conn.ptnr2_auth_comp_id'             
29 4 'Structure model' '_struct_conn.ptnr2_auth_seq_id'              
30 4 'Structure model' '_struct_conn.ptnr2_label_asym_id'            
31 4 'Structure model' '_struct_conn.ptnr2_label_atom_id'            
32 4 'Structure model' '_struct_conn.ptnr2_label_comp_id'            
33 4 'Structure model' '_struct_site.pdbx_auth_asym_id'              
34 4 'Structure model' '_struct_site.pdbx_auth_comp_id'              
35 4 'Structure model' '_struct_site.pdbx_auth_seq_id'               
# 
_pdbx_database_status.status_code                     REL 
_pdbx_database_status.entry_id                        1VE8 
_pdbx_database_status.recvd_initial_deposition_date   2004-03-29 
_pdbx_database_status.deposit_site                    PDBJ 
_pdbx_database_status.process_site                    PDBJ 
_pdbx_database_status.status_code_sf                  ? 
_pdbx_database_status.status_code_mr                  ? 
_pdbx_database_status.SG_entry                        ? 
_pdbx_database_status.pdb_format_compatible           Y 
_pdbx_database_status.status_code_cs                  ? 
_pdbx_database_status.status_code_nmr_data            ? 
_pdbx_database_status.methods_development_category    ? 
# 
loop_
_audit_author.name 
_audit_author.pdbx_ordinal 
'Kimura, K.'   1 
'Ono, A.'      2 
'Watanabe, K.' 3 
'Takenaka, A.' 4 
# 
_citation.id                        primary 
_citation.title                     
;X-Ray analyses of oligonucleotides containing 5-formylcytosine, suggest a structural reason for the codon-anticodon recognition of mitochondrial tRNA-Met
;
_citation.journal_abbrev            'To be Published' 
_citation.journal_volume            ? 
_citation.page_first                ? 
_citation.page_last                 ? 
_citation.year                      ? 
_citation.journal_id_ASTM           ? 
_citation.country                   ? 
_citation.journal_id_ISSN           ? 
_citation.journal_id_CSD            0353 
_citation.book_publisher            ? 
_citation.pdbx_database_id_PubMed   ? 
_citation.pdbx_database_id_DOI      ? 
# 
loop_
_citation_author.citation_id 
_citation_author.name 
_citation_author.ordinal 
_citation_author.identifier_ORCID 
primary 'Kimura, K.'   1 ? 
primary 'Ono, A.'      2 ? 
primary 'Watanabe, K.' 3 ? 
primary 'Takenaka, A.' 4 ? 
# 
loop_
_entity.id 
_entity.type 
_entity.src_method 
_entity.pdbx_description 
_entity.formula_weight 
_entity.pdbx_number_of_molecules 
_entity.pdbx_ec 
_entity.pdbx_mutation 
_entity.pdbx_fragment 
_entity.details 
1 polymer     syn "5'-D(*CP*GP*CP*GP*AP*AP*TP*TP*(5FC)P*GP*CP*G)-3'" 3691.402 2   ? ? ? ? 
2 non-polymer syn 'SODIUM ION'                                       22.990   1   ? ? ? ? 
3 water       nat water                                              18.015   102 ? ? ? ? 
# 
_entity_poly.entity_id                      1 
_entity_poly.type                           polydeoxyribonucleotide 
_entity_poly.nstd_linkage                   no 
_entity_poly.nstd_monomer                   yes 
_entity_poly.pdbx_seq_one_letter_code       '(DC)(DG)(DC)(DG)(DA)(DA)(DT)(DT)(5FC)(DG)(DC)(DG)' 
_entity_poly.pdbx_seq_one_letter_code_can   CGCGAATTCGCG 
_entity_poly.pdbx_strand_id                 A,B 
_entity_poly.pdbx_target_identifier         ? 
# 
loop_
_pdbx_entity_nonpoly.entity_id 
_pdbx_entity_nonpoly.name 
_pdbx_entity_nonpoly.comp_id 
2 'SODIUM ION' NA  
3 water        HOH 
# 
loop_
_entity_poly_seq.entity_id 
_entity_poly_seq.num 
_entity_poly_seq.mon_id 
_entity_poly_seq.hetero 
1 1  DC  n 
1 2  DG  n 
1 3  DC  n 
1 4  DG  n 
1 5  DA  n 
1 6  DA  n 
1 7  DT  n 
1 8  DT  n 
1 9  5FC n 
1 10 DG  n 
1 11 DC  n 
1 12 DG  n 
# 
loop_
_chem_comp.id 
_chem_comp.type 
_chem_comp.mon_nstd_flag 
_chem_comp.name 
_chem_comp.pdbx_synonyms 
_chem_comp.formula 
_chem_comp.formula_weight 
5FC 'DNA linking' n "5-FORMYL-2'-DEOXY-CYTIDINE-5'-MONOPHOSPHATE" "2'-DEOXY-5-FORMYLCYTIDINE-5'-MONOPHOSPHATE" 'C10 H14 N3 O8 P' 
335.207 
DA  'DNA linking' y "2'-DEOXYADENOSINE-5'-MONOPHOSPHATE"          ?                                            'C10 H14 N5 O6 P' 
331.222 
DC  'DNA linking' y "2'-DEOXYCYTIDINE-5'-MONOPHOSPHATE"           ?                                            'C9 H14 N3 O7 P'  
307.197 
DG  'DNA linking' y "2'-DEOXYGUANOSINE-5'-MONOPHOSPHATE"          ?                                            'C10 H14 N5 O7 P' 
347.221 
DT  'DNA linking' y "THYMIDINE-5'-MONOPHOSPHATE"                  ?                                            'C10 H15 N2 O8 P' 
322.208 
HOH non-polymer   . WATER                                         ?                                            'H2 O'            
18.015  
NA  non-polymer   . 'SODIUM ION'                                  ?                                            'Na 1'            
22.990  
# 
loop_
_pdbx_poly_seq_scheme.asym_id 
_pdbx_poly_seq_scheme.entity_id 
_pdbx_poly_seq_scheme.seq_id 
_pdbx_poly_seq_scheme.mon_id 
_pdbx_poly_seq_scheme.ndb_seq_num 
_pdbx_poly_seq_scheme.pdb_seq_num 
_pdbx_poly_seq_scheme.auth_seq_num 
_pdbx_poly_seq_scheme.pdb_mon_id 
_pdbx_poly_seq_scheme.auth_mon_id 
_pdbx_poly_seq_scheme.pdb_strand_id 
_pdbx_poly_seq_scheme.pdb_ins_code 
_pdbx_poly_seq_scheme.hetero 
A 1 1  DC  1  1  1  DC  C  A . n 
A 1 2  DG  2  2  2  DG  G  A . n 
A 1 3  DC  3  3  3  DC  C  A . n 
A 1 4  DG  4  4  4  DG  G  A . n 
A 1 5  DA  5  5  5  DA  A  A . n 
A 1 6  DA  6  6  6  DA  A  A . n 
A 1 7  DT  7  7  7  DT  T  A . n 
A 1 8  DT  8  8  8  DT  T  A . n 
A 1 9  5FC 9  9  9  5FC +C A . n 
A 1 10 DG  10 10 10 DG  G  A . n 
A 1 11 DC  11 11 11 DC  C  A . n 
A 1 12 DG  12 12 12 DG  G  A . n 
B 1 1  DC  1  1  1  DC  C  B . n 
B 1 2  DG  2  2  2  DG  G  B . n 
B 1 3  DC  3  3  3  DC  C  B . n 
B 1 4  DG  4  4  4  DG  G  B . n 
B 1 5  DA  5  5  5  DA  A  B . n 
B 1 6  DA  6  6  6  DA  A  B . n 
B 1 7  DT  7  7  7  DT  T  B . n 
B 1 8  DT  8  8  8  DT  T  B . n 
B 1 9  5FC 9  9  9  5FC +C B . n 
B 1 10 DG  10 10 10 DG  G  B . n 
B 1 11 DC  11 11 11 DC  C  B . n 
B 1 12 DG  12 12 12 DG  G  B . n 
# 
loop_
_pdbx_nonpoly_scheme.asym_id 
_pdbx_nonpoly_scheme.entity_id 
_pdbx_nonpoly_scheme.mon_id 
_pdbx_nonpoly_scheme.ndb_seq_num 
_pdbx_nonpoly_scheme.pdb_seq_num 
_pdbx_nonpoly_scheme.auth_seq_num 
_pdbx_nonpoly_scheme.pdb_mon_id 
_pdbx_nonpoly_scheme.auth_mon_id 
_pdbx_nonpoly_scheme.pdb_strand_id 
_pdbx_nonpoly_scheme.pdb_ins_code 
C 2 NA  1  201 1   NA  NA  B . 
D 3 HOH 1  13  1   HOH HOH A . 
D 3 HOH 2  14  2   HOH HOH A . 
D 3 HOH 3  15  4   HOH HOH A . 
D 3 HOH 4  16  5   HOH HOH A . 
D 3 HOH 5  17  8   HOH HOH A . 
D 3 HOH 6  18  9   HOH HOH A . 
D 3 HOH 7  19  11  HOH HOH A . 
D 3 HOH 8  20  12  HOH HOH A . 
D 3 HOH 9  21  13  HOH HOH A . 
D 3 HOH 10 22  18  HOH HOH A . 
D 3 HOH 11 23  20  HOH HOH A . 
D 3 HOH 12 24  22  HOH HOH A . 
D 3 HOH 13 25  24  HOH HOH A . 
D 3 HOH 14 26  28  HOH HOH A . 
D 3 HOH 15 27  29  HOH HOH A . 
D 3 HOH 16 28  30  HOH HOH A . 
D 3 HOH 17 29  32  HOH HOH A . 
D 3 HOH 18 30  33  HOH HOH A . 
D 3 HOH 19 31  36  HOH HOH A . 
D 3 HOH 20 32  38  HOH HOH A . 
D 3 HOH 21 33  39  HOH HOH A . 
D 3 HOH 22 34  40  HOH HOH A . 
D 3 HOH 23 35  45  HOH HOH A . 
D 3 HOH 24 36  46  HOH HOH A . 
D 3 HOH 25 37  51  HOH HOH A . 
D 3 HOH 26 38  53  HOH HOH A . 
D 3 HOH 27 39  54  HOH HOH A . 
D 3 HOH 28 40  58  HOH HOH A . 
D 3 HOH 29 41  59  HOH HOH A . 
D 3 HOH 30 42  60  HOH HOH A . 
D 3 HOH 31 43  61  HOH HOH A . 
D 3 HOH 32 44  63  HOH HOH A . 
D 3 HOH 33 45  65  HOH HOH A . 
D 3 HOH 34 46  66  HOH HOH A . 
D 3 HOH 35 47  67  HOH HOH A . 
D 3 HOH 36 48  68  HOH HOH A . 
D 3 HOH 37 49  69  HOH HOH A . 
D 3 HOH 38 50  72  HOH HOH A . 
D 3 HOH 39 51  74  HOH HOH A . 
D 3 HOH 40 52  75  HOH HOH A . 
D 3 HOH 41 53  76  HOH HOH A . 
D 3 HOH 42 54  81  HOH HOH A . 
D 3 HOH 43 55  82  HOH HOH A . 
D 3 HOH 44 56  85  HOH HOH A . 
D 3 HOH 45 57  88  HOH HOH A . 
D 3 HOH 46 58  89  HOH HOH A . 
D 3 HOH 47 59  92  HOH HOH A . 
D 3 HOH 48 60  97  HOH HOH A . 
D 3 HOH 49 61  98  HOH HOH A . 
D 3 HOH 50 62  99  HOH HOH A . 
D 3 HOH 51 63  102 HOH HOH A . 
E 3 HOH 1  202 3   HOH HOH B . 
E 3 HOH 2  203 6   HOH HOH B . 
E 3 HOH 3  204 7   HOH HOH B . 
E 3 HOH 4  205 10  HOH HOH B . 
E 3 HOH 5  206 14  HOH HOH B . 
E 3 HOH 6  207 15  HOH HOH B . 
E 3 HOH 7  208 16  HOH HOH B . 
E 3 HOH 8  209 17  HOH HOH B . 
E 3 HOH 9  210 19  HOH HOH B . 
E 3 HOH 10 211 21  HOH HOH B . 
E 3 HOH 11 212 23  HOH HOH B . 
E 3 HOH 12 213 25  HOH HOH B . 
E 3 HOH 13 214 26  HOH HOH B . 
E 3 HOH 14 215 27  HOH HOH B . 
E 3 HOH 15 216 31  HOH HOH B . 
E 3 HOH 16 217 34  HOH HOH B . 
E 3 HOH 17 218 35  HOH HOH B . 
E 3 HOH 18 219 37  HOH HOH B . 
E 3 HOH 19 220 41  HOH HOH B . 
E 3 HOH 20 221 42  HOH HOH B . 
E 3 HOH 21 222 43  HOH HOH B . 
E 3 HOH 22 223 44  HOH HOH B . 
E 3 HOH 23 224 47  HOH HOH B . 
E 3 HOH 24 225 48  HOH HOH B . 
E 3 HOH 25 226 49  HOH HOH B . 
E 3 HOH 26 227 50  HOH HOH B . 
E 3 HOH 27 228 52  HOH HOH B . 
E 3 HOH 28 229 55  HOH HOH B . 
E 3 HOH 29 230 56  HOH HOH B . 
E 3 HOH 30 231 57  HOH HOH B . 
E 3 HOH 31 232 62  HOH HOH B . 
E 3 HOH 32 233 64  HOH HOH B . 
E 3 HOH 33 234 70  HOH HOH B . 
E 3 HOH 34 235 71  HOH HOH B . 
E 3 HOH 35 236 73  HOH HOH B . 
E 3 HOH 36 237 77  HOH HOH B . 
E 3 HOH 37 238 78  HOH HOH B . 
E 3 HOH 38 239 79  HOH HOH B . 
E 3 HOH 39 240 80  HOH HOH B . 
E 3 HOH 40 241 83  HOH HOH B . 
E 3 HOH 41 242 84  HOH HOH B . 
E 3 HOH 42 243 86  HOH HOH B . 
E 3 HOH 43 244 87  HOH HOH B . 
E 3 HOH 44 245 90  HOH HOH B . 
E 3 HOH 45 246 91  HOH HOH B . 
E 3 HOH 46 247 93  HOH HOH B . 
E 3 HOH 47 248 94  HOH HOH B . 
E 3 HOH 48 249 95  HOH HOH B . 
E 3 HOH 49 250 96  HOH HOH B . 
E 3 HOH 50 251 100 HOH HOH B . 
E 3 HOH 51 252 101 HOH HOH B . 
# 
loop_
_software.name 
_software.classification 
_software.version 
_software.citation_id 
_software.pdbx_ordinal 
d*TREK 'data scaling'   . ? 1 
d*TREK 'data reduction' . ? 2 
AMoRE  phasing          . ? 3 
CNS    refinement       . ? 4 
# 
_cell.entry_id           1VE8 
_cell.length_a           25.100 
_cell.length_b           41.600 
_cell.length_c           65.500 
_cell.angle_alpha        90.00 
_cell.angle_beta         90.00 
_cell.angle_gamma        90.00 
_cell.Z_PDB              8 
_cell.pdbx_unique_axis   ? 
# 
_symmetry.entry_id                         1VE8 
_symmetry.space_group_name_H-M             'P 21 21 21' 
_symmetry.pdbx_full_space_group_name_H-M   ? 
_symmetry.cell_setting                     ? 
_symmetry.Int_Tables_number                19 
_symmetry.space_group_name_Hall            ? 
# 
_exptl.entry_id          1VE8 
_exptl.method            'X-RAY DIFFRACTION' 
_exptl.crystals_number   1 
# 
_exptl_crystal.id                    1 
_exptl_crystal.density_meas          ? 
_exptl_crystal.density_Matthews      2.32 
_exptl_crystal.density_percent_sol   46.89 
_exptl_crystal.description           ? 
_exptl_crystal.F_000                 ? 
_exptl_crystal.preparation           ? 
# 
_exptl_crystal_grow.crystal_id      1 
_exptl_crystal_grow.method          'VAPOR DIFFUSION, HANGING DROP' 
_exptl_crystal_grow.temp            277 
_exptl_crystal_grow.temp_details    ? 
_exptl_crystal_grow.pH              7.0 
_exptl_crystal_grow.pdbx_details    
;2-methyl-2,4-pentanediol, spermine tetrahydrochloride, barium chloride, sodium chloride, pH 7.0, VAPOR DIFFUSION, HANGING DROP, temperature 277K
;
_exptl_crystal_grow.pdbx_pH_range   . 
# 
loop_
_exptl_crystal_grow_comp.crystal_id 
_exptl_crystal_grow_comp.id 
_exptl_crystal_grow_comp.sol_id 
_exptl_crystal_grow_comp.name 
_exptl_crystal_grow_comp.volume 
_exptl_crystal_grow_comp.conc 
_exptl_crystal_grow_comp.details 
1 1 1 2-methyl-2,4-pentanediol      ? ? ? 
1 2 1 'spermine tetrahydrochloride' ? ? ? 
1 3 1 BaCl                          ? ? ? 
1 4 1 NaCl                          ? ? ? 
1 5 1 H2O                           ? ? ? 
1 6 2 BaCl                          ? ? ? 
1 7 2 NaCl                          ? ? ? 
1 8 2 H2O                           ? ? ? 
# 
_diffrn.id                     1 
_diffrn.ambient_temp           100 
_diffrn.ambient_temp_details   ? 
_diffrn.crystal_id             1 
# 
_diffrn_detector.diffrn_id              1 
_diffrn_detector.detector               CCD 
_diffrn_detector.type                   'ADSC QUANTUM 9R' 
_diffrn_detector.pdbx_collection_date   2002-05-25 
_diffrn_detector.details                ? 
# 
_diffrn_radiation.diffrn_id                        1 
_diffrn_radiation.wavelength_id                    1 
_diffrn_radiation.pdbx_monochromatic_or_laue_m_l   M 
_diffrn_radiation.monochromator                    ? 
_diffrn_radiation.pdbx_diffrn_protocol             'SINGLE WAVELENGTH' 
_diffrn_radiation.pdbx_scattering_type             x-ray 
# 
_diffrn_radiation_wavelength.id           1 
_diffrn_radiation_wavelength.wavelength   0.9 
_diffrn_radiation_wavelength.wt           1.0 
# 
_diffrn_source.diffrn_id                   1 
_diffrn_source.source                      SYNCHROTRON 
_diffrn_source.type                        'SPRING-8 BEAMLINE BL44XU' 
_diffrn_source.pdbx_synchrotron_site       SPring-8 
_diffrn_source.pdbx_synchrotron_beamline   BL44XU 
_diffrn_source.pdbx_wavelength             ? 
_diffrn_source.pdbx_wavelength_list        0.9 
# 
_reflns.entry_id                     1VE8 
_reflns.observed_criterion_sigma_F   ? 
_reflns.observed_criterion_sigma_I   ? 
_reflns.d_resolution_high            1.6 
_reflns.d_resolution_low             35.1 
_reflns.number_all                   9051 
_reflns.number_obs                   9005 
_reflns.percent_possible_obs         99.5 
_reflns.pdbx_Rmerge_I_obs            0.06 
_reflns.pdbx_Rsym_value              ? 
_reflns.pdbx_netI_over_sigmaI        ? 
_reflns.B_iso_Wilson_estimate        ? 
_reflns.pdbx_redundancy              ? 
_reflns.R_free_details               ? 
_reflns.pdbx_chi_squared             ? 
_reflns.pdbx_scaling_rejects         ? 
_reflns.pdbx_diffrn_id               1 
_reflns.pdbx_ordinal                 1 
# 
_reflns_shell.d_res_high             1.6 
_reflns_shell.d_res_low              1.7 
_reflns_shell.percent_possible_all   99.5 
_reflns_shell.Rmerge_I_obs           0.297 
_reflns_shell.pdbx_Rsym_value        ? 
_reflns_shell.meanI_over_sigI_obs    2.7 
_reflns_shell.pdbx_redundancy        ? 
_reflns_shell.percent_possible_obs   ? 
_reflns_shell.number_unique_all      880 
_reflns_shell.number_measured_all    ? 
_reflns_shell.number_measured_obs    ? 
_reflns_shell.number_unique_obs      ? 
_reflns_shell.pdbx_chi_squared       ? 
_reflns_shell.pdbx_diffrn_id         ? 
_reflns_shell.pdbx_ordinal           1 
# 
_refine.entry_id                                 1VE8 
_refine.ls_d_res_high                            1.65 
_refine.ls_d_res_low                             9.0 
_refine.pdbx_ls_sigma_F                          3.0 
_refine.pdbx_ls_sigma_I                          ? 
_refine.ls_number_reflns_all                     8662 
_refine.ls_number_reflns_obs                     8479 
_refine.ls_number_reflns_R_free                  720 
_refine.ls_percent_reflns_obs                    97.9 
_refine.ls_R_factor_all                          ? 
_refine.ls_R_factor_obs                          ? 
_refine.ls_R_factor_R_work                       0.221 
_refine.ls_R_factor_R_free                       0.279 
_refine.ls_redundancy_reflns_obs                 ? 
_refine.pdbx_data_cutoff_high_absF               ? 
_refine.pdbx_data_cutoff_low_absF                ? 
_refine.ls_number_parameters                     ? 
_refine.ls_number_restraints                     ? 
_refine.ls_percent_reflns_R_free                 ? 
_refine.ls_R_factor_R_free_error                 ? 
_refine.ls_R_factor_R_free_error_details         ? 
_refine.pdbx_method_to_determine_struct          'MOLECULAR REPLACEMENT' 
_refine.pdbx_starting_model                      ? 
_refine.pdbx_ls_cross_valid_method               THROUGHOUT 
_refine.pdbx_R_Free_selection_details            RAMDAM 
_refine.pdbx_stereochem_target_val_spec_case     ? 
_refine.pdbx_stereochemistry_target_values       ? 
_refine.solvent_model_details                    ? 
_refine.solvent_model_param_bsol                 ? 
_refine.solvent_model_param_ksol                 ? 
_refine.occupancy_max                            ? 
_refine.occupancy_min                            ? 
_refine.pdbx_isotropic_thermal_model             ? 
_refine.B_iso_mean                               ? 
_refine.aniso_B[1][1]                            -10.101 
_refine.aniso_B[1][2]                            0.000 
_refine.aniso_B[1][3]                            0.000 
_refine.aniso_B[2][2]                            -1.553 
_refine.aniso_B[2][3]                            0.000 
_refine.aniso_B[3][3]                            11.654 
_refine.details                                  ? 
_refine.correlation_coeff_Fo_to_Fc               ? 
_refine.correlation_coeff_Fo_to_Fc_free          ? 
_refine.pdbx_solvent_vdw_probe_radii             ? 
_refine.pdbx_solvent_ion_probe_radii             ? 
_refine.pdbx_solvent_shrinkage_radii             ? 
_refine.overall_SU_R_Cruickshank_DPI             ? 
_refine.overall_SU_R_free                        ? 
_refine.overall_SU_B                             ? 
_refine.overall_SU_ML                            ? 
_refine.pdbx_overall_ESU_R                       ? 
_refine.pdbx_overall_ESU_R_Free                  ? 
_refine.pdbx_data_cutoff_high_rms_absF           ? 
_refine.ls_wR_factor_R_free                      ? 
_refine.ls_wR_factor_R_work                      ? 
_refine.overall_FOM_free_R_set                   ? 
_refine.overall_FOM_work_R_set                   ? 
_refine.pdbx_refine_id                           'X-RAY DIFFRACTION' 
_refine.pdbx_diffrn_id                           1 
_refine.pdbx_TLS_residual_ADP_flag               ? 
_refine.pdbx_overall_phase_error                 ? 
_refine.pdbx_overall_SU_R_free_Cruickshank_DPI   ? 
_refine.pdbx_overall_SU_R_Blow_DPI               ? 
_refine.pdbx_overall_SU_R_free_Blow_DPI          ? 
# 
_refine_analyze.entry_id                        1VE8 
_refine_analyze.Luzzati_coordinate_error_obs    0.2 
_refine_analyze.Luzzati_sigma_a_obs             0.3 
_refine_analyze.Luzzati_d_res_low_obs           5.0 
_refine_analyze.Luzzati_coordinate_error_free   0.3 
_refine_analyze.Luzzati_sigma_a_free            0.2 
_refine_analyze.Luzzati_d_res_low_free          ? 
_refine_analyze.number_disordered_residues      ? 
_refine_analyze.occupancy_sum_non_hydrogen      ? 
_refine_analyze.occupancy_sum_hydrogen          ? 
_refine_analyze.pdbx_refine_id                  'X-RAY DIFFRACTION' 
# 
_refine_hist.pdbx_refine_id                   'X-RAY DIFFRACTION' 
_refine_hist.cycle_id                         LAST 
_refine_hist.pdbx_number_atoms_protein        0 
_refine_hist.pdbx_number_atoms_nucleic_acid   490 
_refine_hist.pdbx_number_atoms_ligand         1 
_refine_hist.number_atoms_solvent             102 
_refine_hist.number_atoms_total               593 
_refine_hist.d_res_high                       1.65 
_refine_hist.d_res_low                        9.0 
# 
loop_
_refine_ls_restr.type 
_refine_ls_restr.dev_ideal 
_refine_ls_restr.dev_ideal_target 
_refine_ls_restr.weight 
_refine_ls_restr.number 
_refine_ls_restr.pdbx_refine_id 
_refine_ls_restr.pdbx_restraint_function 
c_bond_d           0.004 ? ? ? 'X-RAY DIFFRACTION' ? 
c_angle_deg        0.9   ? ? ? 'X-RAY DIFFRACTION' ? 
c_dihedral_angle_d 19.5  ? ? ? 'X-RAY DIFFRACTION' ? 
c_improper_angle_d 1.2   ? ? ? 'X-RAY DIFFRACTION' ? 
# 
_refine_ls_shell.pdbx_total_number_of_bins_used   ? 
_refine_ls_shell.d_res_high                       1.17 
_refine_ls_shell.d_res_low                        1.65 
_refine_ls_shell.number_reflns_R_work             ? 
_refine_ls_shell.R_factor_R_work                  0.382 
_refine_ls_shell.percent_reflns_obs               94.0 
_refine_ls_shell.R_factor_R_free                  0.446 
_refine_ls_shell.R_factor_R_free_error            ? 
_refine_ls_shell.percent_reflns_R_free            ? 
_refine_ls_shell.number_reflns_R_free             23 
_refine_ls_shell.redundancy_reflns_obs            ? 
_refine_ls_shell.pdbx_refine_id                   'X-RAY DIFFRACTION' 
_refine_ls_shell.number_reflns_all                ? 
_refine_ls_shell.R_factor_all                     ? 
# 
_struct.entry_id                  1VE8 
_struct.title                     
;X-Ray analyses of oligonucleotides containing 5-formylcytosine, suggesting a structural reason for codon-anticodon recognition of mitochondrial tRNA-Met; Part 1, d(CGCGAATT(f5C)GCG)
;
_struct.pdbx_model_details        ? 
_struct.pdbx_CASP_flag            ? 
_struct.pdbx_model_type_details   ? 
# 
_struct_keywords.entry_id        1VE8 
_struct_keywords.pdbx_keywords   DNA 
_struct_keywords.text            '5-formylcytosine, anticodon of tRNA-Met, DNA dodecamer, DNA' 
# 
loop_
_struct_asym.id 
_struct_asym.pdbx_blank_PDB_chainid_flag 
_struct_asym.pdbx_modified 
_struct_asym.entity_id 
_struct_asym.details 
A N N 1 ? 
B N N 1 ? 
C N N 2 ? 
D N N 3 ? 
E N N 3 ? 
# 
_struct_ref.id                         1 
_struct_ref.entity_id                  1 
_struct_ref.db_name                    PDB 
_struct_ref.db_code                    1VE8 
_struct_ref.pdbx_db_accession          1VE8 
_struct_ref.pdbx_db_isoform            ? 
_struct_ref.pdbx_seq_one_letter_code   ? 
_struct_ref.pdbx_align_begin           ? 
# 
loop_
_struct_ref_seq.align_id 
_struct_ref_seq.ref_id 
_struct_ref_seq.pdbx_PDB_id_code 
_struct_ref_seq.pdbx_strand_id 
_struct_ref_seq.seq_align_beg 
_struct_ref_seq.pdbx_seq_align_beg_ins_code 
_struct_ref_seq.seq_align_end 
_struct_ref_seq.pdbx_seq_align_end_ins_code 
_struct_ref_seq.pdbx_db_accession 
_struct_ref_seq.db_align_beg 
_struct_ref_seq.pdbx_db_align_beg_ins_code 
_struct_ref_seq.db_align_end 
_struct_ref_seq.pdbx_db_align_end_ins_code 
_struct_ref_seq.pdbx_auth_seq_align_beg 
_struct_ref_seq.pdbx_auth_seq_align_end 
1 1 1VE8 A 1 ? 12 ? 1VE8 1 ? 12 ? 1 12 
2 1 1VE8 B 1 ? 12 ? 1VE8 1 ? 12 ? 1 12 
# 
_pdbx_struct_assembly.id                   1 
_pdbx_struct_assembly.details              author_defined_assembly 
_pdbx_struct_assembly.method_details       ? 
_pdbx_struct_assembly.oligomeric_details   dimeric 
_pdbx_struct_assembly.oligomeric_count     2 
# 
_pdbx_struct_assembly_gen.assembly_id       1 
_pdbx_struct_assembly_gen.oper_expression   1 
_pdbx_struct_assembly_gen.asym_id_list      A,B,C,D,E 
# 
_pdbx_struct_oper_list.id                   1 
_pdbx_struct_oper_list.type                 'identity operation' 
_pdbx_struct_oper_list.name                 1_555 
_pdbx_struct_oper_list.symmetry_operation   x,y,z 
_pdbx_struct_oper_list.matrix[1][1]         1.0000000000 
_pdbx_struct_oper_list.matrix[1][2]         0.0000000000 
_pdbx_struct_oper_list.matrix[1][3]         0.0000000000 
_pdbx_struct_oper_list.vector[1]            0.0000000000 
_pdbx_struct_oper_list.matrix[2][1]         0.0000000000 
_pdbx_struct_oper_list.matrix[2][2]         1.0000000000 
_pdbx_struct_oper_list.matrix[2][3]         0.0000000000 
_pdbx_struct_oper_list.vector[2]            0.0000000000 
_pdbx_struct_oper_list.matrix[3][1]         0.0000000000 
_pdbx_struct_oper_list.matrix[3][2]         0.0000000000 
_pdbx_struct_oper_list.matrix[3][3]         1.0000000000 
_pdbx_struct_oper_list.vector[3]            0.0000000000 
# 
_struct_biol.id                    1 
_struct_biol.pdbx_parent_biol_id   ? 
_struct_biol.details               ? 
# 
loop_
_struct_conn.id 
_struct_conn.conn_type_id 
_struct_conn.pdbx_leaving_atom_flag 
_struct_conn.pdbx_PDB_id 
_struct_conn.ptnr1_label_asym_id 
_struct_conn.ptnr1_label_comp_id 
_struct_conn.ptnr1_label_seq_id 
_struct_conn.ptnr1_label_atom_id 
_struct_conn.pdbx_ptnr1_label_alt_id 
_struct_conn.pdbx_ptnr1_PDB_ins_code 
_struct_conn.pdbx_ptnr1_standard_comp_id 
_struct_conn.ptnr1_symmetry 
_struct_conn.ptnr2_label_asym_id 
_struct_conn.ptnr2_label_comp_id 
_struct_conn.ptnr2_label_seq_id 
_struct_conn.ptnr2_label_atom_id 
_struct_conn.pdbx_ptnr2_label_alt_id 
_struct_conn.pdbx_ptnr2_PDB_ins_code 
_struct_conn.ptnr1_auth_asym_id 
_struct_conn.ptnr1_auth_comp_id 
_struct_conn.ptnr1_auth_seq_id 
_struct_conn.ptnr2_auth_asym_id 
_struct_conn.ptnr2_auth_comp_id 
_struct_conn.ptnr2_auth_seq_id 
_struct_conn.ptnr2_symmetry 
_struct_conn.pdbx_ptnr3_label_atom_id 
_struct_conn.pdbx_ptnr3_label_seq_id 
_struct_conn.pdbx_ptnr3_label_comp_id 
_struct_conn.pdbx_ptnr3_label_asym_id 
_struct_conn.pdbx_ptnr3_label_alt_id 
_struct_conn.pdbx_ptnr3_PDB_ins_code 
_struct_conn.details 
_struct_conn.pdbx_dist_value 
_struct_conn.pdbx_value_order 
_struct_conn.pdbx_role 
covale1  covale both ? A DT  8  "O3'" ? ? ? 1_555 A 5FC 9  P  ? ? A DT  8   A 5FC 9   1_555 ? ? ? ? ? ? ?            1.599 ? ? 
covale2  covale both ? A 5FC 9  "O3'" ? ? ? 1_555 A DG  10 P  ? ? A 5FC 9   A DG  10  1_555 ? ? ? ? ? ? ?            1.601 ? ? 
covale3  covale both ? B DT  8  "O3'" ? ? ? 1_555 B 5FC 9  P  ? ? B DT  8   B 5FC 9   1_555 ? ? ? ? ? ? ?            1.598 ? ? 
covale4  covale both ? B 5FC 9  "O3'" ? ? ? 1_555 B DG  10 P  ? ? B 5FC 9   B DG  10  1_555 ? ? ? ? ? ? ?            1.602 ? ? 
metalc1  metalc ?    ? A DT  7  O2    ? ? ? 1_555 C NA  .  NA ? ? A DT  7   B NA  201 1_555 ? ? ? ? ? ? ?            2.895 ? ? 
metalc2  metalc ?    ? D HOH .  O     ? ? ? 1_555 C NA  .  NA ? ? A HOH 17  B NA  201 1_555 ? ? ? ? ? ? ?            2.826 ? ? 
metalc3  metalc ?    ? B DT  7  O2    ? ? ? 1_555 C NA  .  NA ? ? B DT  7   B NA  201 1_555 ? ? ? ? ? ? ?            2.604 ? ? 
metalc4  metalc ?    ? B DT  8  "O4'" ? ? ? 1_555 C NA  .  NA ? ? B DT  8   B NA  201 1_555 ? ? ? ? ? ? ?            2.888 ? ? 
metalc5  metalc ?    ? C NA  .  NA    ? ? ? 1_555 E HOH .  O  ? ? B NA  201 B HOH 229 1_555 ? ? ? ? ? ? ?            2.831 ? ? 
hydrog1  hydrog ?    ? A DC  1  N3    ? ? ? 1_555 B DG  12 N1 ? ? A DC  1   B DG  12  1_555 ? ? ? ? ? ? WATSON-CRICK ?     ? ? 
hydrog2  hydrog ?    ? A DC  1  N4    ? ? ? 1_555 B DG  12 O6 ? ? A DC  1   B DG  12  1_555 ? ? ? ? ? ? WATSON-CRICK ?     ? ? 
hydrog3  hydrog ?    ? A DC  1  O2    ? ? ? 1_555 B DG  12 N2 ? ? A DC  1   B DG  12  1_555 ? ? ? ? ? ? WATSON-CRICK ?     ? ? 
hydrog4  hydrog ?    ? A DG  2  N1    ? ? ? 1_555 B DC  11 N3 ? ? A DG  2   B DC  11  1_555 ? ? ? ? ? ? WATSON-CRICK ?     ? ? 
hydrog5  hydrog ?    ? A DG  2  N2    ? ? ? 1_555 B DC  11 O2 ? ? A DG  2   B DC  11  1_555 ? ? ? ? ? ? WATSON-CRICK ?     ? ? 
hydrog6  hydrog ?    ? A DG  2  O6    ? ? ? 1_555 B DC  11 N4 ? ? A DG  2   B DC  11  1_555 ? ? ? ? ? ? WATSON-CRICK ?     ? ? 
hydrog7  hydrog ?    ? A DC  3  N3    ? ? ? 1_555 B DG  10 N1 ? ? A DC  3   B DG  10  1_555 ? ? ? ? ? ? WATSON-CRICK ?     ? ? 
hydrog8  hydrog ?    ? A DC  3  N4    ? ? ? 1_555 B DG  10 O6 ? ? A DC  3   B DG  10  1_555 ? ? ? ? ? ? WATSON-CRICK ?     ? ? 
hydrog9  hydrog ?    ? A DC  3  O2    ? ? ? 1_555 B DG  10 N2 ? ? A DC  3   B DG  10  1_555 ? ? ? ? ? ? WATSON-CRICK ?     ? ? 
hydrog10 hydrog ?    ? A DG  4  N1    ? ? ? 1_555 B 5FC 9  N3 ? ? A DG  4   B 5FC 9   1_555 ? ? ? ? ? ? WATSON-CRICK ?     ? ? 
hydrog11 hydrog ?    ? A DG  4  N2    ? ? ? 1_555 B 5FC 9  O2 ? ? A DG  4   B 5FC 9   1_555 ? ? ? ? ? ? WATSON-CRICK ?     ? ? 
hydrog12 hydrog ?    ? A DG  4  O6    ? ? ? 1_555 B 5FC 9  N4 ? ? A DG  4   B 5FC 9   1_555 ? ? ? ? ? ? WATSON-CRICK ?     ? ? 
hydrog13 hydrog ?    ? A DA  5  N1    ? ? ? 1_555 B DT  8  N3 ? ? A DA  5   B DT  8   1_555 ? ? ? ? ? ? WATSON-CRICK ?     ? ? 
hydrog14 hydrog ?    ? A DA  5  N6    ? ? ? 1_555 B DT  8  O4 ? ? A DA  5   B DT  8   1_555 ? ? ? ? ? ? WATSON-CRICK ?     ? ? 
hydrog15 hydrog ?    ? A DA  6  N1    ? ? ? 1_555 B DT  7  N3 ? ? A DA  6   B DT  7   1_555 ? ? ? ? ? ? WATSON-CRICK ?     ? ? 
hydrog16 hydrog ?    ? A DA  6  N6    ? ? ? 1_555 B DT  7  O4 ? ? A DA  6   B DT  7   1_555 ? ? ? ? ? ? WATSON-CRICK ?     ? ? 
hydrog17 hydrog ?    ? A DT  7  N3    ? ? ? 1_555 B DA  6  N1 ? ? A DT  7   B DA  6   1_555 ? ? ? ? ? ? WATSON-CRICK ?     ? ? 
hydrog18 hydrog ?    ? A DT  7  O4    ? ? ? 1_555 B DA  6  N6 ? ? A DT  7   B DA  6   1_555 ? ? ? ? ? ? WATSON-CRICK ?     ? ? 
hydrog19 hydrog ?    ? A DT  8  N3    ? ? ? 1_555 B DA  5  N1 ? ? A DT  8   B DA  5   1_555 ? ? ? ? ? ? WATSON-CRICK ?     ? ? 
hydrog20 hydrog ?    ? A DT  8  O4    ? ? ? 1_555 B DA  5  N6 ? ? A DT  8   B DA  5   1_555 ? ? ? ? ? ? WATSON-CRICK ?     ? ? 
hydrog21 hydrog ?    ? A 5FC 9  N3    ? ? ? 1_555 B DG  4  N1 ? ? A 5FC 9   B DG  4   1_555 ? ? ? ? ? ? WATSON-CRICK ?     ? ? 
hydrog22 hydrog ?    ? A 5FC 9  N4    ? ? ? 1_555 B DG  4  O6 ? ? A 5FC 9   B DG  4   1_555 ? ? ? ? ? ? WATSON-CRICK ?     ? ? 
hydrog23 hydrog ?    ? A 5FC 9  O2    ? ? ? 1_555 B DG  4  N2 ? ? A 5FC 9   B DG  4   1_555 ? ? ? ? ? ? WATSON-CRICK ?     ? ? 
hydrog24 hydrog ?    ? A DG  10 N1    ? ? ? 1_555 B DC  3  N3 ? ? A DG  10  B DC  3   1_555 ? ? ? ? ? ? WATSON-CRICK ?     ? ? 
hydrog25 hydrog ?    ? A DG  10 N2    ? ? ? 1_555 B DC  3  O2 ? ? A DG  10  B DC  3   1_555 ? ? ? ? ? ? WATSON-CRICK ?     ? ? 
hydrog26 hydrog ?    ? A DG  10 O6    ? ? ? 1_555 B DC  3  N4 ? ? A DG  10  B DC  3   1_555 ? ? ? ? ? ? WATSON-CRICK ?     ? ? 
hydrog27 hydrog ?    ? A DC  11 N3    ? ? ? 1_555 B DG  2  N1 ? ? A DC  11  B DG  2   1_555 ? ? ? ? ? ? WATSON-CRICK ?     ? ? 
hydrog28 hydrog ?    ? A DC  11 N4    ? ? ? 1_555 B DG  2  O6 ? ? A DC  11  B DG  2   1_555 ? ? ? ? ? ? WATSON-CRICK ?     ? ? 
hydrog29 hydrog ?    ? A DC  11 O2    ? ? ? 1_555 B DG  2  N2 ? ? A DC  11  B DG  2   1_555 ? ? ? ? ? ? WATSON-CRICK ?     ? ? 
hydrog30 hydrog ?    ? A DG  12 N1    ? ? ? 1_555 B DC  1  N3 ? ? A DG  12  B DC  1   1_555 ? ? ? ? ? ? WATSON-CRICK ?     ? ? 
hydrog31 hydrog ?    ? A DG  12 N2    ? ? ? 1_555 B DC  1  O2 ? ? A DG  12  B DC  1   1_555 ? ? ? ? ? ? WATSON-CRICK ?     ? ? 
hydrog32 hydrog ?    ? A DG  12 O6    ? ? ? 1_555 B DC  1  N4 ? ? A DG  12  B DC  1   1_555 ? ? ? ? ? ? WATSON-CRICK ?     ? ? 
# 
loop_
_struct_conn_type.id 
_struct_conn_type.criteria 
_struct_conn_type.reference 
covale ? ? 
metalc ? ? 
hydrog ? ? 
# 
loop_
_pdbx_struct_conn_angle.id 
_pdbx_struct_conn_angle.ptnr1_label_atom_id 
_pdbx_struct_conn_angle.ptnr1_label_alt_id 
_pdbx_struct_conn_angle.ptnr1_label_asym_id 
_pdbx_struct_conn_angle.ptnr1_label_comp_id 
_pdbx_struct_conn_angle.ptnr1_label_seq_id 
_pdbx_struct_conn_angle.ptnr1_auth_atom_id 
_pdbx_struct_conn_angle.ptnr1_auth_asym_id 
_pdbx_struct_conn_angle.ptnr1_auth_comp_id 
_pdbx_struct_conn_angle.ptnr1_auth_seq_id 
_pdbx_struct_conn_angle.ptnr1_PDB_ins_code 
_pdbx_struct_conn_angle.ptnr1_symmetry 
_pdbx_struct_conn_angle.ptnr2_label_atom_id 
_pdbx_struct_conn_angle.ptnr2_label_alt_id 
_pdbx_struct_conn_angle.ptnr2_label_asym_id 
_pdbx_struct_conn_angle.ptnr2_label_comp_id 
_pdbx_struct_conn_angle.ptnr2_label_seq_id 
_pdbx_struct_conn_angle.ptnr2_auth_atom_id 
_pdbx_struct_conn_angle.ptnr2_auth_asym_id 
_pdbx_struct_conn_angle.ptnr2_auth_comp_id 
_pdbx_struct_conn_angle.ptnr2_auth_seq_id 
_pdbx_struct_conn_angle.ptnr2_PDB_ins_code 
_pdbx_struct_conn_angle.ptnr2_symmetry 
_pdbx_struct_conn_angle.ptnr3_label_atom_id 
_pdbx_struct_conn_angle.ptnr3_label_alt_id 
_pdbx_struct_conn_angle.ptnr3_label_asym_id 
_pdbx_struct_conn_angle.ptnr3_label_comp_id 
_pdbx_struct_conn_angle.ptnr3_label_seq_id 
_pdbx_struct_conn_angle.ptnr3_auth_atom_id 
_pdbx_struct_conn_angle.ptnr3_auth_asym_id 
_pdbx_struct_conn_angle.ptnr3_auth_comp_id 
_pdbx_struct_conn_angle.ptnr3_auth_seq_id 
_pdbx_struct_conn_angle.ptnr3_PDB_ins_code 
_pdbx_struct_conn_angle.ptnr3_symmetry 
_pdbx_struct_conn_angle.value 
_pdbx_struct_conn_angle.value_esd 
1  O2    ? A DT  7 ? A DT  7  ? 1_555 NA ? C NA . ? B NA 201 ? 1_555 O     ? D HOH . ? A HOH 17  ? 1_555 112.9 ? 
2  O2    ? A DT  7 ? A DT  7  ? 1_555 NA ? C NA . ? B NA 201 ? 1_555 O2    ? B DT  7 ? B DT  7   ? 1_555 84.0  ? 
3  O     ? D HOH . ? A HOH 17 ? 1_555 NA ? C NA . ? B NA 201 ? 1_555 O2    ? B DT  7 ? B DT  7   ? 1_555 99.8  ? 
4  O2    ? A DT  7 ? A DT  7  ? 1_555 NA ? C NA . ? B NA 201 ? 1_555 "O4'" ? B DT  8 ? B DT  8   ? 1_555 139.5 ? 
5  O     ? D HOH . ? A HOH 17 ? 1_555 NA ? C NA . ? B NA 201 ? 1_555 "O4'" ? B DT  8 ? B DT  8   ? 1_555 100.7 ? 
6  O2    ? B DT  7 ? B DT  7  ? 1_555 NA ? C NA . ? B NA 201 ? 1_555 "O4'" ? B DT  8 ? B DT  8   ? 1_555 68.1  ? 
7  O2    ? A DT  7 ? A DT  7  ? 1_555 NA ? C NA . ? B NA 201 ? 1_555 O     ? E HOH . ? B HOH 229 ? 1_555 88.3  ? 
8  O     ? D HOH . ? A HOH 17 ? 1_555 NA ? C NA . ? B NA 201 ? 1_555 O     ? E HOH . ? B HOH 229 ? 1_555 138.3 ? 
9  O2    ? B DT  7 ? B DT  7  ? 1_555 NA ? C NA . ? B NA 201 ? 1_555 O     ? E HOH . ? B HOH 229 ? 1_555 118.6 ? 
10 "O4'" ? B DT  8 ? B DT  8  ? 1_555 NA ? C NA . ? B NA 201 ? 1_555 O     ? E HOH . ? B HOH 229 ? 1_555 80.7  ? 
# 
_struct_site.id                   AC1 
_struct_site.pdbx_evidence_code   Software 
_struct_site.pdbx_auth_asym_id    B 
_struct_site.pdbx_auth_comp_id    NA 
_struct_site.pdbx_auth_seq_id     201 
_struct_site.pdbx_auth_ins_code   ? 
_struct_site.pdbx_num_residues    6 
_struct_site.details              'BINDING SITE FOR RESIDUE NA B 201' 
# 
loop_
_struct_site_gen.id 
_struct_site_gen.site_id 
_struct_site_gen.pdbx_num_res 
_struct_site_gen.label_comp_id 
_struct_site_gen.label_asym_id 
_struct_site_gen.label_seq_id 
_struct_site_gen.pdbx_auth_ins_code 
_struct_site_gen.auth_comp_id 
_struct_site_gen.auth_asym_id 
_struct_site_gen.auth_seq_id 
_struct_site_gen.label_atom_id 
_struct_site_gen.label_alt_id 
_struct_site_gen.symmetry 
_struct_site_gen.details 
1 AC1 6 DT  A 7 ? DT  A 7   . ? 1_555 ? 
2 AC1 6 DT  A 8 ? DT  A 8   . ? 1_555 ? 
3 AC1 6 HOH D . ? HOH A 17  . ? 1_555 ? 
4 AC1 6 DT  B 7 ? DT  B 7   . ? 1_555 ? 
5 AC1 6 DT  B 8 ? DT  B 8   . ? 1_555 ? 
6 AC1 6 HOH E . ? HOH B 229 . ? 1_555 ? 
# 
_pdbx_validate_planes.id              1 
_pdbx_validate_planes.PDB_model_num   1 
_pdbx_validate_planes.auth_comp_id    DC 
_pdbx_validate_planes.auth_asym_id    A 
_pdbx_validate_planes.auth_seq_id     11 
_pdbx_validate_planes.PDB_ins_code    ? 
_pdbx_validate_planes.label_alt_id    ? 
_pdbx_validate_planes.rmsd            0.062 
_pdbx_validate_planes.type            'SIDE CHAIN' 
# 
loop_
_pdbx_struct_mod_residue.id 
_pdbx_struct_mod_residue.label_asym_id 
_pdbx_struct_mod_residue.label_comp_id 
_pdbx_struct_mod_residue.label_seq_id 
_pdbx_struct_mod_residue.auth_asym_id 
_pdbx_struct_mod_residue.auth_comp_id 
_pdbx_struct_mod_residue.auth_seq_id 
_pdbx_struct_mod_residue.PDB_ins_code 
_pdbx_struct_mod_residue.parent_comp_id 
_pdbx_struct_mod_residue.details 
1 A 5FC 9 A 5FC 9 ? DC ? 
2 B 5FC 9 B 5FC 9 ? DC ? 
# 
loop_
_chem_comp_atom.comp_id 
_chem_comp_atom.atom_id 
_chem_comp_atom.type_symbol 
_chem_comp_atom.pdbx_aromatic_flag 
_chem_comp_atom.pdbx_stereo_config 
_chem_comp_atom.pdbx_ordinal 
5FC P      P  N N 1   
5FC OP2    O  N N 2   
5FC OP1    O  N N 3   
5FC "O5'"  O  N N 4   
5FC N1     N  N N 5   
5FC C6     C  N N 6   
5FC C2     C  N N 7   
5FC O2     O  N N 8   
5FC N3     N  N N 9   
5FC C4     C  N N 10  
5FC N4     N  N N 11  
5FC C5     C  N N 12  
5FC "C2'"  C  N N 13  
5FC "C5'"  C  N N 14  
5FC "C4'"  C  N R 15  
5FC "O4'"  O  N N 16  
5FC "C1'"  C  N R 17  
5FC "C3'"  C  N S 18  
5FC "O3'"  O  N N 19  
5FC C5A    C  N N 20  
5FC O5A    O  N N 21  
5FC OP3    O  N N 22  
5FC HOP2   H  N N 23  
5FC H6     H  N N 24  
5FC HN41   H  N N 25  
5FC HN42   H  N N 26  
5FC "H2'"  H  N N 27  
5FC "H2''" H  N N 28  
5FC "H5'"  H  N N 29  
5FC "H5''" H  N N 30  
5FC "H4'"  H  N N 31  
5FC "H1'"  H  N N 32  
5FC "H3'"  H  N N 33  
5FC "HO3'" H  N N 34  
5FC H5A    H  N N 35  
5FC HOP3   H  N N 36  
DA  OP3    O  N N 37  
DA  P      P  N N 38  
DA  OP1    O  N N 39  
DA  OP2    O  N N 40  
DA  "O5'"  O  N N 41  
DA  "C5'"  C  N N 42  
DA  "C4'"  C  N R 43  
DA  "O4'"  O  N N 44  
DA  "C3'"  C  N S 45  
DA  "O3'"  O  N N 46  
DA  "C2'"  C  N N 47  
DA  "C1'"  C  N R 48  
DA  N9     N  Y N 49  
DA  C8     C  Y N 50  
DA  N7     N  Y N 51  
DA  C5     C  Y N 52  
DA  C6     C  Y N 53  
DA  N6     N  N N 54  
DA  N1     N  Y N 55  
DA  C2     C  Y N 56  
DA  N3     N  Y N 57  
DA  C4     C  Y N 58  
DA  HOP3   H  N N 59  
DA  HOP2   H  N N 60  
DA  "H5'"  H  N N 61  
DA  "H5''" H  N N 62  
DA  "H4'"  H  N N 63  
DA  "H3'"  H  N N 64  
DA  "HO3'" H  N N 65  
DA  "H2'"  H  N N 66  
DA  "H2''" H  N N 67  
DA  "H1'"  H  N N 68  
DA  H8     H  N N 69  
DA  H61    H  N N 70  
DA  H62    H  N N 71  
DA  H2     H  N N 72  
DC  OP3    O  N N 73  
DC  P      P  N N 74  
DC  OP1    O  N N 75  
DC  OP2    O  N N 76  
DC  "O5'"  O  N N 77  
DC  "C5'"  C  N N 78  
DC  "C4'"  C  N R 79  
DC  "O4'"  O  N N 80  
DC  "C3'"  C  N S 81  
DC  "O3'"  O  N N 82  
DC  "C2'"  C  N N 83  
DC  "C1'"  C  N R 84  
DC  N1     N  N N 85  
DC  C2     C  N N 86  
DC  O2     O  N N 87  
DC  N3     N  N N 88  
DC  C4     C  N N 89  
DC  N4     N  N N 90  
DC  C5     C  N N 91  
DC  C6     C  N N 92  
DC  HOP3   H  N N 93  
DC  HOP2   H  N N 94  
DC  "H5'"  H  N N 95  
DC  "H5''" H  N N 96  
DC  "H4'"  H  N N 97  
DC  "H3'"  H  N N 98  
DC  "HO3'" H  N N 99  
DC  "H2'"  H  N N 100 
DC  "H2''" H  N N 101 
DC  "H1'"  H  N N 102 
DC  H41    H  N N 103 
DC  H42    H  N N 104 
DC  H5     H  N N 105 
DC  H6     H  N N 106 
DG  OP3    O  N N 107 
DG  P      P  N N 108 
DG  OP1    O  N N 109 
DG  OP2    O  N N 110 
DG  "O5'"  O  N N 111 
DG  "C5'"  C  N N 112 
DG  "C4'"  C  N R 113 
DG  "O4'"  O  N N 114 
DG  "C3'"  C  N S 115 
DG  "O3'"  O  N N 116 
DG  "C2'"  C  N N 117 
DG  "C1'"  C  N R 118 
DG  N9     N  Y N 119 
DG  C8     C  Y N 120 
DG  N7     N  Y N 121 
DG  C5     C  Y N 122 
DG  C6     C  N N 123 
DG  O6     O  N N 124 
DG  N1     N  N N 125 
DG  C2     C  N N 126 
DG  N2     N  N N 127 
DG  N3     N  N N 128 
DG  C4     C  Y N 129 
DG  HOP3   H  N N 130 
DG  HOP2   H  N N 131 
DG  "H5'"  H  N N 132 
DG  "H5''" H  N N 133 
DG  "H4'"  H  N N 134 
DG  "H3'"  H  N N 135 
DG  "HO3'" H  N N 136 
DG  "H2'"  H  N N 137 
DG  "H2''" H  N N 138 
DG  "H1'"  H  N N 139 
DG  H8     H  N N 140 
DG  H1     H  N N 141 
DG  H21    H  N N 142 
DG  H22    H  N N 143 
DT  OP3    O  N N 144 
DT  P      P  N N 145 
DT  OP1    O  N N 146 
DT  OP2    O  N N 147 
DT  "O5'"  O  N N 148 
DT  "C5'"  C  N N 149 
DT  "C4'"  C  N R 150 
DT  "O4'"  O  N N 151 
DT  "C3'"  C  N S 152 
DT  "O3'"  O  N N 153 
DT  "C2'"  C  N N 154 
DT  "C1'"  C  N R 155 
DT  N1     N  N N 156 
DT  C2     C  N N 157 
DT  O2     O  N N 158 
DT  N3     N  N N 159 
DT  C4     C  N N 160 
DT  O4     O  N N 161 
DT  C5     C  N N 162 
DT  C7     C  N N 163 
DT  C6     C  N N 164 
DT  HOP3   H  N N 165 
DT  HOP2   H  N N 166 
DT  "H5'"  H  N N 167 
DT  "H5''" H  N N 168 
DT  "H4'"  H  N N 169 
DT  "H3'"  H  N N 170 
DT  "HO3'" H  N N 171 
DT  "H2'"  H  N N 172 
DT  "H2''" H  N N 173 
DT  "H1'"  H  N N 174 
DT  H3     H  N N 175 
DT  H71    H  N N 176 
DT  H72    H  N N 177 
DT  H73    H  N N 178 
DT  H6     H  N N 179 
HOH O      O  N N 180 
HOH H1     H  N N 181 
HOH H2     H  N N 182 
NA  NA     NA N N 183 
# 
loop_
_chem_comp_bond.comp_id 
_chem_comp_bond.atom_id_1 
_chem_comp_bond.atom_id_2 
_chem_comp_bond.value_order 
_chem_comp_bond.pdbx_aromatic_flag 
_chem_comp_bond.pdbx_stereo_config 
_chem_comp_bond.pdbx_ordinal 
5FC P     OP2    sing N N 1   
5FC P     OP1    doub N N 2   
5FC P     "O5'"  sing N N 3   
5FC P     OP3    sing N N 4   
5FC OP2   HOP2   sing N N 5   
5FC "O5'" "C5'"  sing N N 6   
5FC N1    C6     sing N N 7   
5FC N1    C2     sing N N 8   
5FC N1    "C1'"  sing N N 9   
5FC C6    C5     doub N N 10  
5FC C6    H6     sing N N 11  
5FC C2    O2     doub N N 12  
5FC C2    N3     sing N N 13  
5FC N3    C4     doub N N 14  
5FC C4    N4     sing N N 15  
5FC C4    C5     sing N N 16  
5FC N4    HN41   sing N N 17  
5FC N4    HN42   sing N N 18  
5FC C5    C5A    sing N N 19  
5FC "C2'" "C1'"  sing N N 20  
5FC "C2'" "C3'"  sing N N 21  
5FC "C2'" "H2'"  sing N N 22  
5FC "C2'" "H2''" sing N N 23  
5FC "C5'" "C4'"  sing N N 24  
5FC "C5'" "H5'"  sing N N 25  
5FC "C5'" "H5''" sing N N 26  
5FC "C4'" "O4'"  sing N N 27  
5FC "C4'" "C3'"  sing N N 28  
5FC "C4'" "H4'"  sing N N 29  
5FC "O4'" "C1'"  sing N N 30  
5FC "C1'" "H1'"  sing N N 31  
5FC "C3'" "O3'"  sing N N 32  
5FC "C3'" "H3'"  sing N N 33  
5FC "O3'" "HO3'" sing N N 34  
5FC C5A   O5A    doub N N 35  
5FC C5A   H5A    sing N N 36  
5FC OP3   HOP3   sing N N 37  
DA  OP3   P      sing N N 38  
DA  OP3   HOP3   sing N N 39  
DA  P     OP1    doub N N 40  
DA  P     OP2    sing N N 41  
DA  P     "O5'"  sing N N 42  
DA  OP2   HOP2   sing N N 43  
DA  "O5'" "C5'"  sing N N 44  
DA  "C5'" "C4'"  sing N N 45  
DA  "C5'" "H5'"  sing N N 46  
DA  "C5'" "H5''" sing N N 47  
DA  "C4'" "O4'"  sing N N 48  
DA  "C4'" "C3'"  sing N N 49  
DA  "C4'" "H4'"  sing N N 50  
DA  "O4'" "C1'"  sing N N 51  
DA  "C3'" "O3'"  sing N N 52  
DA  "C3'" "C2'"  sing N N 53  
DA  "C3'" "H3'"  sing N N 54  
DA  "O3'" "HO3'" sing N N 55  
DA  "C2'" "C1'"  sing N N 56  
DA  "C2'" "H2'"  sing N N 57  
DA  "C2'" "H2''" sing N N 58  
DA  "C1'" N9     sing N N 59  
DA  "C1'" "H1'"  sing N N 60  
DA  N9    C8     sing Y N 61  
DA  N9    C4     sing Y N 62  
DA  C8    N7     doub Y N 63  
DA  C8    H8     sing N N 64  
DA  N7    C5     sing Y N 65  
DA  C5    C6     sing Y N 66  
DA  C5    C4     doub Y N 67  
DA  C6    N6     sing N N 68  
DA  C6    N1     doub Y N 69  
DA  N6    H61    sing N N 70  
DA  N6    H62    sing N N 71  
DA  N1    C2     sing Y N 72  
DA  C2    N3     doub Y N 73  
DA  C2    H2     sing N N 74  
DA  N3    C4     sing Y N 75  
DC  OP3   P      sing N N 76  
DC  OP3   HOP3   sing N N 77  
DC  P     OP1    doub N N 78  
DC  P     OP2    sing N N 79  
DC  P     "O5'"  sing N N 80  
DC  OP2   HOP2   sing N N 81  
DC  "O5'" "C5'"  sing N N 82  
DC  "C5'" "C4'"  sing N N 83  
DC  "C5'" "H5'"  sing N N 84  
DC  "C5'" "H5''" sing N N 85  
DC  "C4'" "O4'"  sing N N 86  
DC  "C4'" "C3'"  sing N N 87  
DC  "C4'" "H4'"  sing N N 88  
DC  "O4'" "C1'"  sing N N 89  
DC  "C3'" "O3'"  sing N N 90  
DC  "C3'" "C2'"  sing N N 91  
DC  "C3'" "H3'"  sing N N 92  
DC  "O3'" "HO3'" sing N N 93  
DC  "C2'" "C1'"  sing N N 94  
DC  "C2'" "H2'"  sing N N 95  
DC  "C2'" "H2''" sing N N 96  
DC  "C1'" N1     sing N N 97  
DC  "C1'" "H1'"  sing N N 98  
DC  N1    C2     sing N N 99  
DC  N1    C6     sing N N 100 
DC  C2    O2     doub N N 101 
DC  C2    N3     sing N N 102 
DC  N3    C4     doub N N 103 
DC  C4    N4     sing N N 104 
DC  C4    C5     sing N N 105 
DC  N4    H41    sing N N 106 
DC  N4    H42    sing N N 107 
DC  C5    C6     doub N N 108 
DC  C5    H5     sing N N 109 
DC  C6    H6     sing N N 110 
DG  OP3   P      sing N N 111 
DG  OP3   HOP3   sing N N 112 
DG  P     OP1    doub N N 113 
DG  P     OP2    sing N N 114 
DG  P     "O5'"  sing N N 115 
DG  OP2   HOP2   sing N N 116 
DG  "O5'" "C5'"  sing N N 117 
DG  "C5'" "C4'"  sing N N 118 
DG  "C5'" "H5'"  sing N N 119 
DG  "C5'" "H5''" sing N N 120 
DG  "C4'" "O4'"  sing N N 121 
DG  "C4'" "C3'"  sing N N 122 
DG  "C4'" "H4'"  sing N N 123 
DG  "O4'" "C1'"  sing N N 124 
DG  "C3'" "O3'"  sing N N 125 
DG  "C3'" "C2'"  sing N N 126 
DG  "C3'" "H3'"  sing N N 127 
DG  "O3'" "HO3'" sing N N 128 
DG  "C2'" "C1'"  sing N N 129 
DG  "C2'" "H2'"  sing N N 130 
DG  "C2'" "H2''" sing N N 131 
DG  "C1'" N9     sing N N 132 
DG  "C1'" "H1'"  sing N N 133 
DG  N9    C8     sing Y N 134 
DG  N9    C4     sing Y N 135 
DG  C8    N7     doub Y N 136 
DG  C8    H8     sing N N 137 
DG  N7    C5     sing Y N 138 
DG  C5    C6     sing N N 139 
DG  C5    C4     doub Y N 140 
DG  C6    O6     doub N N 141 
DG  C6    N1     sing N N 142 
DG  N1    C2     sing N N 143 
DG  N1    H1     sing N N 144 
DG  C2    N2     sing N N 145 
DG  C2    N3     doub N N 146 
DG  N2    H21    sing N N 147 
DG  N2    H22    sing N N 148 
DG  N3    C4     sing N N 149 
DT  OP3   P      sing N N 150 
DT  OP3   HOP3   sing N N 151 
DT  P     OP1    doub N N 152 
DT  P     OP2    sing N N 153 
DT  P     "O5'"  sing N N 154 
DT  OP2   HOP2   sing N N 155 
DT  "O5'" "C5'"  sing N N 156 
DT  "C5'" "C4'"  sing N N 157 
DT  "C5'" "H5'"  sing N N 158 
DT  "C5'" "H5''" sing N N 159 
DT  "C4'" "O4'"  sing N N 160 
DT  "C4'" "C3'"  sing N N 161 
DT  "C4'" "H4'"  sing N N 162 
DT  "O4'" "C1'"  sing N N 163 
DT  "C3'" "O3'"  sing N N 164 
DT  "C3'" "C2'"  sing N N 165 
DT  "C3'" "H3'"  sing N N 166 
DT  "O3'" "HO3'" sing N N 167 
DT  "C2'" "C1'"  sing N N 168 
DT  "C2'" "H2'"  sing N N 169 
DT  "C2'" "H2''" sing N N 170 
DT  "C1'" N1     sing N N 171 
DT  "C1'" "H1'"  sing N N 172 
DT  N1    C2     sing N N 173 
DT  N1    C6     sing N N 174 
DT  C2    O2     doub N N 175 
DT  C2    N3     sing N N 176 
DT  N3    C4     sing N N 177 
DT  N3    H3     sing N N 178 
DT  C4    O4     doub N N 179 
DT  C4    C5     sing N N 180 
DT  C5    C7     sing N N 181 
DT  C5    C6     doub N N 182 
DT  C7    H71    sing N N 183 
DT  C7    H72    sing N N 184 
DT  C7    H73    sing N N 185 
DT  C6    H6     sing N N 186 
HOH O     H1     sing N N 187 
HOH O     H2     sing N N 188 
# 
loop_
_ndb_struct_conf_na.entry_id 
_ndb_struct_conf_na.feature 
1VE8 'double helix'        
1VE8 'b-form double helix' 
# 
loop_
_ndb_struct_na_base_pair.model_number 
_ndb_struct_na_base_pair.i_label_asym_id 
_ndb_struct_na_base_pair.i_label_comp_id 
_ndb_struct_na_base_pair.i_label_seq_id 
_ndb_struct_na_base_pair.i_symmetry 
_ndb_struct_na_base_pair.j_label_asym_id 
_ndb_struct_na_base_pair.j_label_comp_id 
_ndb_struct_na_base_pair.j_label_seq_id 
_ndb_struct_na_base_pair.j_symmetry 
_ndb_struct_na_base_pair.shear 
_ndb_struct_na_base_pair.stretch 
_ndb_struct_na_base_pair.stagger 
_ndb_struct_na_base_pair.buckle 
_ndb_struct_na_base_pair.propeller 
_ndb_struct_na_base_pair.opening 
_ndb_struct_na_base_pair.pair_number 
_ndb_struct_na_base_pair.pair_name 
_ndb_struct_na_base_pair.i_auth_asym_id 
_ndb_struct_na_base_pair.i_auth_seq_id 
_ndb_struct_na_base_pair.i_PDB_ins_code 
_ndb_struct_na_base_pair.j_auth_asym_id 
_ndb_struct_na_base_pair.j_auth_seq_id 
_ndb_struct_na_base_pair.j_PDB_ins_code 
_ndb_struct_na_base_pair.hbond_type_28 
_ndb_struct_na_base_pair.hbond_type_12 
1 A DC  1  1_555 B DG  12 1_555 0.224  -0.154 -0.006 2.316   -8.797  -0.442 1  A_DC1:DG12_B A 1  ? B 12 ? 19 1 
1 A DG  2  1_555 B DC  11 1_555 -0.060 -0.325 0.210  -3.247  -6.299  -6.289 2  A_DG2:DC11_B A 2  ? B 11 ? 19 1 
1 A DC  3  1_555 B DG  10 1_555 0.245  -0.148 0.194  -2.625  -6.890  2.050  3  A_DC3:DG10_B A 3  ? B 10 ? 19 1 
1 A DG  4  1_555 B 5FC 9  1_555 -0.509 -0.102 0.233  13.113  -11.075 3.207  4  A_DG4:5FC9_B A 4  ? B 9  ? 19 1 
1 A DA  5  1_555 B DT  8  1_555 0.100  -0.095 -0.060 6.897   -17.559 2.603  5  A_DA5:DT8_B  A 5  ? B 8  ? 20 1 
1 A DA  6  1_555 B DT  7  1_555 -0.029 -0.198 0.208  2.408   -15.696 3.793  6  A_DA6:DT7_B  A 6  ? B 7  ? 20 1 
1 A DT  7  1_555 B DA  6  1_555 -0.108 -0.093 0.281  -2.395  -17.811 4.047  7  A_DT7:DA6_B  A 7  ? B 6  ? 20 1 
1 A DT  8  1_555 B DA  5  1_555 -0.086 -0.103 0.213  -5.530  -14.281 4.577  8  A_DT8:DA5_B  A 8  ? B 5  ? 20 1 
1 A 5FC 9  1_555 B DG  4  1_555 0.286  -0.043 0.253  -14.058 -8.230  -0.247 9  A_5FC9:DG4_B A 9  ? B 4  ? 19 1 
1 A DG  10 1_555 B DC  3  1_555 -0.215 -0.160 0.496  9.997   -3.311  3.687  10 A_DG10:DC3_B A 10 ? B 3  ? 19 1 
1 A DC  11 1_555 B DG  2  1_555 0.169  -0.217 0.270  1.777   -20.004 -1.325 11 A_DC11:DG2_B A 11 ? B 2  ? 19 1 
1 A DG  12 1_555 B DC  1  1_555 -0.356 -0.272 0.240  10.207  -3.202  -1.790 12 A_DG12:DC1_B A 12 ? B 1  ? 19 1 
# 
loop_
_ndb_struct_na_base_pair_step.model_number 
_ndb_struct_na_base_pair_step.i_label_asym_id_1 
_ndb_struct_na_base_pair_step.i_label_comp_id_1 
_ndb_struct_na_base_pair_step.i_label_seq_id_1 
_ndb_struct_na_base_pair_step.i_symmetry_1 
_ndb_struct_na_base_pair_step.j_label_asym_id_1 
_ndb_struct_na_base_pair_step.j_label_comp_id_1 
_ndb_struct_na_base_pair_step.j_label_seq_id_1 
_ndb_struct_na_base_pair_step.j_symmetry_1 
_ndb_struct_na_base_pair_step.i_label_asym_id_2 
_ndb_struct_na_base_pair_step.i_label_comp_id_2 
_ndb_struct_na_base_pair_step.i_label_seq_id_2 
_ndb_struct_na_base_pair_step.i_symmetry_2 
_ndb_struct_na_base_pair_step.j_label_asym_id_2 
_ndb_struct_na_base_pair_step.j_label_comp_id_2 
_ndb_struct_na_base_pair_step.j_label_seq_id_2 
_ndb_struct_na_base_pair_step.j_symmetry_2 
_ndb_struct_na_base_pair_step.shift 
_ndb_struct_na_base_pair_step.slide 
_ndb_struct_na_base_pair_step.rise 
_ndb_struct_na_base_pair_step.tilt 
_ndb_struct_na_base_pair_step.roll 
_ndb_struct_na_base_pair_step.twist 
_ndb_struct_na_base_pair_step.x_displacement 
_ndb_struct_na_base_pair_step.y_displacement 
_ndb_struct_na_base_pair_step.helical_rise 
_ndb_struct_na_base_pair_step.inclination 
_ndb_struct_na_base_pair_step.tip 
_ndb_struct_na_base_pair_step.helical_twist 
_ndb_struct_na_base_pair_step.step_number 
_ndb_struct_na_base_pair_step.step_name 
_ndb_struct_na_base_pair_step.i_auth_asym_id_1 
_ndb_struct_na_base_pair_step.i_auth_seq_id_1 
_ndb_struct_na_base_pair_step.i_PDB_ins_code_1 
_ndb_struct_na_base_pair_step.j_auth_asym_id_1 
_ndb_struct_na_base_pair_step.j_auth_seq_id_1 
_ndb_struct_na_base_pair_step.j_PDB_ins_code_1 
_ndb_struct_na_base_pair_step.i_auth_asym_id_2 
_ndb_struct_na_base_pair_step.i_auth_seq_id_2 
_ndb_struct_na_base_pair_step.i_PDB_ins_code_2 
_ndb_struct_na_base_pair_step.j_auth_asym_id_2 
_ndb_struct_na_base_pair_step.j_auth_seq_id_2 
_ndb_struct_na_base_pair_step.j_PDB_ins_code_2 
1 A DC  1  1_555 B DG  12 1_555 A DG  2  1_555 B DC  11 1_555 -0.955 -0.028 3.468 -4.485 -2.491 37.222 0.307  0.853  3.550 -3.879  
6.985  37.562 1  AA_DC1DG2:DC11DG12_BB A 1  ? B 12 ? A 2  ? B 11 ? 
1 A DG  2  1_555 B DC  11 1_555 A DC  3  1_555 B DG  10 1_555 0.790  -0.014 3.344 1.539  -0.749 37.286 0.080  -1.026 3.373 -1.171  
-2.406 37.323 2  AA_DG2DC3:DG10DC11_BB A 2  ? B 11 ? A 3  ? B 10 ? 
1 A DC  3  1_555 B DG  10 1_555 A DG  4  1_555 B 5FC 9  1_555 -0.274 0.489  3.031 1.266  7.872  28.240 -0.640 0.800  3.038 15.741  
-2.531 29.322 3  AA_DC3DG4:5FC9DG10_BB A 3  ? B 10 ? A 4  ? B 9  ? 
1 A DG  4  1_555 B 5FC 9  1_555 A DA  5  1_555 B DT  8  1_555 -0.056 -0.259 3.435 2.266  2.459  34.715 -0.822 0.453  3.399 4.109   
-3.787 34.871 4  AA_DG4DA5:DT85FC9_BB  A 4  ? B 9  ? A 5  ? B 8  ? 
1 A DA  5  1_555 B DT  8  1_555 A DA  6  1_555 B DT  7  1_555 -0.110 -0.234 3.233 -3.512 -1.013 38.577 -0.230 -0.261 3.235 -1.529  
5.301  38.743 5  AA_DA5DA6:DT7DT8_BB   A 5  ? B 8  ? A 6  ? B 7  ? 
1 A DA  6  1_555 B DT  7  1_555 A DT  7  1_555 B DA  6  1_555 0.029  -0.587 3.307 0.265  -2.031 33.129 -0.682 -0.006 3.336 -3.557  
-0.465 33.191 6  AA_DA6DT7:DA6DT7_BB   A 6  ? B 7  ? A 7  ? B 6  ? 
1 A DT  7  1_555 B DA  6  1_555 A DT  8  1_555 B DA  5  1_555 -0.054 -0.345 3.237 0.342  -2.205 36.358 -0.249 0.134  3.251 -3.529  
-0.548 36.424 7  AA_DT7DT8:DA5DA6_BB   A 7  ? B 6  ? A 8  ? B 5  ? 
1 A DT  8  1_555 B DA  5  1_555 A 5FC 9  1_555 B DG  4  1_555 -0.043 -0.316 3.431 1.347  -2.752 41.069 -0.137 0.214  3.441 -3.917  
-1.916 41.179 8  AA_DT85FC9:DG4DA5_BB  A 8  ? B 5  ? A 9  ? B 4  ? 
1 A 5FC 9  1_555 B DG  4  1_555 A DG  10 1_555 B DC  3  1_555 0.585  0.528  2.801 -3.405 2.221  26.980 0.648  -1.964 2.741 4.726   
7.246  27.279 9  AA_5FC9DG10:DC3DG4_BB A 9  ? B 4  ? A 10 ? B 3  ? 
1 A DG  10 1_555 B DC  3  1_555 A DC  11 1_555 B DG  2  1_555 -1.492 0.587  3.547 -0.152 -9.442 43.182 1.725  1.970  3.358 -12.648 
0.204  44.155 10 AA_DG10DC11:DG2DC3_BB A 10 ? B 3  ? A 11 ? B 2  ? 
1 A DC  11 1_555 B DG  2  1_555 A DG  12 1_555 B DC  1  1_555 1.094  0.627  3.174 1.420  0.568  33.658 0.991  -1.661 3.226 0.980   
-2.451 33.692 11 AA_DC11DG12:DC1DG2_BB A 11 ? B 2  ? A 12 ? B 1  ? 
# 
_atom_sites.entry_id                    1VE8 
_atom_sites.fract_transf_matrix[1][1]   -0.02810695 
_atom_sites.fract_transf_matrix[1][2]   0.02542087 
_atom_sites.fract_transf_matrix[1][3]   0.01229162 
_atom_sites.fract_transf_matrix[2][1]   -0.00390523 
_atom_sites.fract_transf_matrix[2][2]   -0.01368498 
_atom_sites.fract_transf_matrix[2][3]   0.01937255 
_atom_sites.fract_transf_matrix[3][1]   0.01053210 
_atom_sites.fract_transf_matrix[3][2]   0.00791491 
_atom_sites.fract_transf_matrix[3][3]   0.00771430 
_atom_sites.fract_transf_vector[1]      0.098413 
_atom_sites.fract_transf_vector[2]      0.007579 
_atom_sites.fract_transf_vector[3]      0.150874 
# 
loop_
_atom_type.symbol 
C  
N  
NA 
O  
P  
# 
loop_
_atom_site.group_PDB 
_atom_site.id 
_atom_site.type_symbol 
_atom_site.label_atom_id 
_atom_site.label_alt_id 
_atom_site.label_comp_id 
_atom_site.label_asym_id 
_atom_site.label_entity_id 
_atom_site.label_seq_id 
_atom_site.pdbx_PDB_ins_code 
_atom_site.Cartn_x 
_atom_site.Cartn_y 
_atom_site.Cartn_z 
_atom_site.occupancy 
_atom_site.B_iso_or_equiv 
_atom_site.pdbx_formal_charge 
_atom_site.auth_seq_id 
_atom_site.auth_comp_id 
_atom_site.auth_asym_id 
_atom_site.auth_atom_id 
_atom_site.pdbx_PDB_model_num 
ATOM   1   O  "O5'" . DC  A 1 1  ? 3.422   1.976   19.604  1.00 52.24 ? 1   DC  A "O5'" 1 
ATOM   2   C  "C5'" . DC  A 1 1  ? 4.580   2.324   18.847  1.00 49.44 ? 1   DC  A "C5'" 1 
ATOM   3   C  "C4'" . DC  A 1 1  ? 4.237   3.407   17.853  1.00 45.40 ? 1   DC  A "C4'" 1 
ATOM   4   O  "O4'" . DC  A 1 1  ? 5.424   3.857   17.159  1.00 42.22 ? 1   DC  A "O4'" 1 
ATOM   5   C  "C3'" . DC  A 1 1  ? 3.251   2.989   16.762  1.00 48.72 ? 1   DC  A "C3'" 1 
ATOM   6   O  "O3'" . DC  A 1 1  ? 2.403   4.101   16.483  1.00 55.37 ? 1   DC  A "O3'" 1 
ATOM   7   C  "C2'" . DC  A 1 1  ? 4.156   2.747   15.568  1.00 44.16 ? 1   DC  A "C2'" 1 
ATOM   8   C  "C1'" . DC  A 1 1  ? 5.157   3.865   15.770  1.00 39.16 ? 1   DC  A "C1'" 1 
ATOM   9   N  N1    . DC  A 1 1  ? 6.435   3.724   15.063  1.00 36.77 ? 1   DC  A N1    1 
ATOM   10  C  C2    . DC  A 1 1  ? 6.973   4.845   14.425  1.00 37.25 ? 1   DC  A C2    1 
ATOM   11  O  O2    . DC  A 1 1  ? 6.347   5.913   14.462  1.00 34.75 ? 1   DC  A O2    1 
ATOM   12  N  N3    . DC  A 1 1  ? 8.156   4.738   13.781  1.00 34.39 ? 1   DC  A N3    1 
ATOM   13  C  C4    . DC  A 1 1  ? 8.793   3.566   13.752  1.00 46.26 ? 1   DC  A C4    1 
ATOM   14  N  N4    . DC  A 1 1  ? 9.957   3.510   13.101  1.00 43.74 ? 1   DC  A N4    1 
ATOM   15  C  C5    . DC  A 1 1  ? 8.263   2.403   14.387  1.00 46.21 ? 1   DC  A C5    1 
ATOM   16  C  C6    . DC  A 1 1  ? 7.093   2.527   15.028  1.00 42.10 ? 1   DC  A C6    1 
ATOM   17  P  P     . DG  A 1 2  ? 0.925   3.860   15.918  1.00 58.14 ? 2   DG  A P     1 
ATOM   18  O  OP1   . DG  A 1 2  ? 0.015   3.800   17.088  1.00 60.68 ? 2   DG  A OP1   1 
ATOM   19  O  OP2   . DG  A 1 2  ? 0.936   2.746   14.934  1.00 49.72 ? 2   DG  A OP2   1 
ATOM   20  O  "O5'" . DG  A 1 2  ? 0.626   5.211   15.136  1.00 55.31 ? 2   DG  A "O5'" 1 
ATOM   21  C  "C5'" . DG  A 1 2  ? 0.978   6.474   15.698  1.00 53.98 ? 2   DG  A "C5'" 1 
ATOM   22  C  "C4'" . DG  A 1 2  ? 1.190   7.478   14.593  1.00 49.96 ? 2   DG  A "C4'" 1 
ATOM   23  O  "O4'" . DG  A 1 2  ? 2.507   7.329   14.014  1.00 46.67 ? 2   DG  A "O4'" 1 
ATOM   24  C  "C3'" . DG  A 1 2  ? 0.192   7.314   13.449  1.00 48.94 ? 2   DG  A "C3'" 1 
ATOM   25  O  "O3'" . DG  A 1 2  ? -0.357  8.569   13.063  1.00 49.90 ? 2   DG  A "O3'" 1 
ATOM   26  C  "C2'" . DG  A 1 2  ? 1.003   6.690   12.329  1.00 46.39 ? 2   DG  A "C2'" 1 
ATOM   27  C  "C1'" . DG  A 1 2  ? 2.414   7.179   12.606  1.00 45.58 ? 2   DG  A "C1'" 1 
ATOM   28  N  N9    . DG  A 1 2  ? 3.448   6.236   12.193  1.00 36.39 ? 2   DG  A N9    1 
ATOM   29  C  C8    . DG  A 1 2  ? 3.551   4.914   12.550  1.00 38.73 ? 2   DG  A C8    1 
ATOM   30  N  N7    . DG  A 1 2  ? 4.587   4.320   12.023  1.00 31.84 ? 2   DG  A N7    1 
ATOM   31  C  C5    . DG  A 1 2  ? 5.205   5.310   11.269  1.00 30.42 ? 2   DG  A C5    1 
ATOM   32  C  C6    . DG  A 1 2  ? 6.377   5.263   10.473  1.00 30.85 ? 2   DG  A C6    1 
ATOM   33  O  O6    . DG  A 1 2  ? 7.132   4.311   10.272  1.00 32.31 ? 2   DG  A O6    1 
ATOM   34  N  N1    . DG  A 1 2  ? 6.645   6.489   9.881   1.00 31.44 ? 2   DG  A N1    1 
ATOM   35  C  C2    . DG  A 1 2  ? 5.886   7.618   10.037  1.00 30.73 ? 2   DG  A C2    1 
ATOM   36  N  N2    . DG  A 1 2  ? 6.301   8.701   9.381   1.00 30.65 ? 2   DG  A N2    1 
ATOM   37  N  N3    . DG  A 1 2  ? 4.797   7.678   10.784  1.00 33.31 ? 2   DG  A N3    1 
ATOM   38  C  C4    . DG  A 1 2  ? 4.516   6.497   11.364  1.00 34.47 ? 2   DG  A C4    1 
ATOM   39  P  P     . DC  A 1 3  ? -1.606  8.604   12.060  1.00 49.65 ? 3   DC  A P     1 
ATOM   40  O  OP1   . DC  A 1 3  ? -2.470  9.732   12.491  1.00 58.01 ? 3   DC  A OP1   1 
ATOM   41  O  OP2   . DC  A 1 3  ? -2.175  7.241   11.944  1.00 47.50 ? 3   DC  A OP2   1 
ATOM   42  O  "O5'" . DC  A 1 3  ? -0.954  8.966   10.657  1.00 47.88 ? 3   DC  A "O5'" 1 
ATOM   43  C  "C5'" . DC  A 1 3  ? -0.246  10.186  10.482  1.00 42.28 ? 3   DC  A "C5'" 1 
ATOM   44  C  "C4'" . DC  A 1 3  ? 0.612   10.101  9.247   1.00 37.16 ? 3   DC  A "C4'" 1 
ATOM   45  O  "O4'" . DC  A 1 3  ? 1.566   9.048   9.448   1.00 32.75 ? 3   DC  A "O4'" 1 
ATOM   46  C  "C3'" . DC  A 1 3  ? -0.149  9.688   7.993   1.00 31.72 ? 3   DC  A "C3'" 1 
ATOM   47  O  "O3'" . DC  A 1 3  ? -0.573  10.850  7.288   1.00 43.23 ? 3   DC  A "O3'" 1 
ATOM   48  C  "C2'" . DC  A 1 3  ? 0.876   8.909   7.185   1.00 38.32 ? 3   DC  A "C2'" 1 
ATOM   49  C  "C1'" . DC  A 1 3  ? 1.995   8.598   8.178   1.00 36.94 ? 3   DC  A "C1'" 1 
ATOM   50  N  N1    . DC  A 1 3  ? 2.319   7.180   8.313   1.00 34.16 ? 3   DC  A N1    1 
ATOM   51  C  C2    . DC  A 1 3  ? 3.481   6.718   7.738   1.00 32.25 ? 3   DC  A C2    1 
ATOM   52  O  O2    . DC  A 1 3  ? 4.169   7.519   7.094   1.00 31.14 ? 3   DC  A O2    1 
ATOM   53  N  N3    . DC  A 1 3  ? 3.830   5.417   7.895   1.00 30.80 ? 3   DC  A N3    1 
ATOM   54  C  C4    . DC  A 1 3  ? 3.049   4.601   8.610   1.00 33.84 ? 3   DC  A C4    1 
ATOM   55  N  N4    . DC  A 1 3  ? 3.451   3.335   8.789   1.00 38.30 ? 3   DC  A N4    1 
ATOM   56  C  C5    . DC  A 1 3  ? 1.826   5.049   9.185   1.00 35.79 ? 3   DC  A C5    1 
ATOM   57  C  C6    . DC  A 1 3  ? 1.502   6.333   9.010   1.00 35.71 ? 3   DC  A C6    1 
ATOM   58  P  P     . DG  A 1 4  ? -1.456  10.692  5.965   1.00 39.97 ? 4   DG  A P     1 
ATOM   59  O  OP1   . DG  A 1 4  ? -2.158  11.986  5.756   1.00 50.00 ? 4   DG  A OP1   1 
ATOM   60  O  OP2   . DG  A 1 4  ? -2.235  9.437   6.067   1.00 42.74 ? 4   DG  A OP2   1 
ATOM   61  O  "O5'" . DG  A 1 4  ? -0.380  10.522  4.807   1.00 37.70 ? 4   DG  A "O5'" 1 
ATOM   62  C  "C5'" . DG  A 1 4  ? 0.583   11.537  4.554   1.00 36.98 ? 4   DG  A "C5'" 1 
ATOM   63  C  "C4'" . DG  A 1 4  ? 1.443   11.140  3.377   1.00 48.26 ? 4   DG  A "C4'" 1 
ATOM   64  O  "O4'" . DG  A 1 4  ? 2.146   9.917   3.701   1.00 43.86 ? 4   DG  A "O4'" 1 
ATOM   65  C  "C3'" . DG  A 1 4  ? 0.661   10.860  2.093   1.00 49.73 ? 4   DG  A "C3'" 1 
ATOM   66  O  "O3'" . DG  A 1 4  ? 1.358   11.407  0.971   1.00 56.29 ? 4   DG  A "O3'" 1 
ATOM   67  C  "C2'" . DG  A 1 4  ? 0.572   9.344   2.033   1.00 38.77 ? 4   DG  A "C2'" 1 
ATOM   68  C  "C1'" . DG  A 1 4  ? 1.818   8.885   2.781   1.00 43.82 ? 4   DG  A "C1'" 1 
ATOM   69  N  N9    . DG  A 1 4  ? 1.656   7.646   3.539   1.00 40.56 ? 4   DG  A N9    1 
ATOM   70  C  C8    . DG  A 1 4  ? 0.566   7.257   4.280   1.00 30.98 ? 4   DG  A C8    1 
ATOM   71  N  N7    . DG  A 1 4  ? 0.719   6.094   4.848   1.00 32.46 ? 4   DG  A N7    1 
ATOM   72  C  C5    . DG  A 1 4  ? 1.990   5.686   4.459   1.00 30.12 ? 4   DG  A C5    1 
ATOM   73  C  C6    . DG  A 1 4  ? 2.713   4.492   4.758   1.00 33.21 ? 4   DG  A C6    1 
ATOM   74  O  O6    . DG  A 1 4  ? 2.379   3.542   5.470   1.00 31.01 ? 4   DG  A O6    1 
ATOM   75  N  N1    . DG  A 1 4  ? 3.952   4.477   4.129   1.00 28.75 ? 4   DG  A N1    1 
ATOM   76  C  C2    . DG  A 1 4  ? 4.447   5.475   3.334   1.00 32.58 ? 4   DG  A C2    1 
ATOM   77  N  N2    . DG  A 1 4  ? 5.668   5.272   2.813   1.00 37.99 ? 4   DG  A N2    1 
ATOM   78  N  N3    . DG  A 1 4  ? 3.793   6.598   3.060   1.00 39.50 ? 4   DG  A N3    1 
ATOM   79  C  C4    . DG  A 1 4  ? 2.578   6.630   3.648   1.00 35.82 ? 4   DG  A C4    1 
ATOM   80  P  P     . DA  A 1 5  ? 0.802   11.154  -0.516  1.00 61.10 ? 5   DA  A P     1 
ATOM   81  O  OP1   . DA  A 1 5  ? 1.139   12.357  -1.320  1.00 64.25 ? 5   DA  A OP1   1 
ATOM   82  O  OP2   . DA  A 1 5  ? -0.606  10.684  -0.438  1.00 61.35 ? 5   DA  A OP2   1 
ATOM   83  O  "O5'" . DA  A 1 5  ? 1.708   9.957   -1.036  1.00 52.60 ? 5   DA  A "O5'" 1 
ATOM   84  C  "C5'" . DA  A 1 5  ? 3.123   10.043  -0.930  1.00 46.04 ? 5   DA  A "C5'" 1 
ATOM   85  C  "C4'" . DA  A 1 5  ? 3.749   8.736   -1.341  1.00 41.24 ? 5   DA  A "C4'" 1 
ATOM   86  O  "O4'" . DA  A 1 5  ? 3.423   7.727   -0.365  1.00 37.87 ? 5   DA  A "O4'" 1 
ATOM   87  C  "C3'" . DA  A 1 5  ? 3.257   8.213   -2.692  1.00 45.06 ? 5   DA  A "C3'" 1 
ATOM   88  O  "O3'" . DA  A 1 5  ? 4.386   7.940   -3.518  1.00 48.83 ? 5   DA  A "O3'" 1 
ATOM   89  C  "C2'" . DA  A 1 5  ? 2.462   6.961   -2.349  1.00 42.13 ? 5   DA  A "C2'" 1 
ATOM   90  C  "C1'" . DA  A 1 5  ? 3.059   6.535   -1.025  1.00 35.88 ? 5   DA  A "C1'" 1 
ATOM   91  N  N9    . DA  A 1 5  ? 2.166   5.800   -0.136  1.00 31.02 ? 5   DA  A N9    1 
ATOM   92  C  C8    . DA  A 1 5  ? 0.901   6.117   0.294   1.00 27.65 ? 5   DA  A C8    1 
ATOM   93  N  N7    . DA  A 1 5  ? 0.392   5.241   1.130   1.00 30.25 ? 5   DA  A N7    1 
ATOM   94  C  C5    . DA  A 1 5  ? 1.389   4.281   1.255   1.00 28.03 ? 5   DA  A C5    1 
ATOM   95  C  C6    . DA  A 1 5  ? 1.477   3.092   2.008   1.00 30.61 ? 5   DA  A C6    1 
ATOM   96  N  N6    . DA  A 1 5  ? 0.520   2.647   2.832   1.00 26.70 ? 5   DA  A N6    1 
ATOM   97  N  N1    . DA  A 1 5  ? 2.604   2.363   1.888   1.00 27.73 ? 5   DA  A N1    1 
ATOM   98  C  C2    . DA  A 1 5  ? 3.573   2.806   1.080   1.00 28.94 ? 5   DA  A C2    1 
ATOM   99  N  N3    . DA  A 1 5  ? 3.615   3.912   0.338   1.00 30.03 ? 5   DA  A N3    1 
ATOM   100 C  C4    . DA  A 1 5  ? 2.479   4.608   0.472   1.00 33.52 ? 5   DA  A C4    1 
ATOM   101 P  P     . DA  A 1 6  ? 4.174   7.345   -4.991  1.00 47.11 ? 6   DA  A P     1 
ATOM   102 O  OP1   . DA  A 1 6  ? 5.116   8.076   -5.876  1.00 51.01 ? 6   DA  A OP1   1 
ATOM   103 O  OP2   . DA  A 1 6  ? 2.727   7.326   -5.314  1.00 43.42 ? 6   DA  A OP2   1 
ATOM   104 O  "O5'" . DA  A 1 6  ? 4.695   5.852   -4.835  1.00 44.57 ? 6   DA  A "O5'" 1 
ATOM   105 C  "C5'" . DA  A 1 6  ? 5.949   5.588   -4.213  1.00 40.69 ? 6   DA  A "C5'" 1 
ATOM   106 C  "C4'" . DA  A 1 6  ? 6.129   4.102   -4.027  1.00 34.95 ? 6   DA  A "C4'" 1 
ATOM   107 O  "O4'" . DA  A 1 6  ? 5.199   3.603   -3.034  1.00 33.18 ? 6   DA  A "O4'" 1 
ATOM   108 C  "C3'" . DA  A 1 6  ? 5.894   3.281   -5.292  1.00 30.05 ? 6   DA  A "C3'" 1 
ATOM   109 O  "O3'" . DA  A 1 6  ? 6.965   2.342   -5.449  1.00 41.49 ? 6   DA  A "O3'" 1 
ATOM   110 C  "C2'" . DA  A 1 6  ? 4.543   2.616   -5.055  1.00 33.32 ? 6   DA  A "C2'" 1 
ATOM   111 C  "C1'" . DA  A 1 6  ? 4.492   2.488   -3.539  1.00 31.70 ? 6   DA  A "C1'" 1 
ATOM   112 N  N9    . DA  A 1 6  ? 3.155   2.520   -2.940  1.00 31.64 ? 6   DA  A N9    1 
ATOM   113 C  C8    . DA  A 1 6  ? 2.193   3.492   -3.083  1.00 31.11 ? 6   DA  A C8    1 
ATOM   114 N  N7    . DA  A 1 6  ? 1.117   3.280   -2.363  1.00 30.37 ? 6   DA  A N7    1 
ATOM   115 C  C5    . DA  A 1 6  ? 1.385   2.086   -1.705  1.00 26.83 ? 6   DA  A C5    1 
ATOM   116 C  C6    . DA  A 1 6  ? 0.645   1.331   -0.769  1.00 28.82 ? 6   DA  A C6    1 
ATOM   117 N  N6    . DA  A 1 6  ? -0.531  1.717   -0.275  1.00 22.58 ? 6   DA  A N6    1 
ATOM   118 N  N1    . DA  A 1 6  ? 1.176   0.165   -0.335  1.00 27.62 ? 6   DA  A N1    1 
ATOM   119 C  C2    . DA  A 1 6  ? 2.392   -0.191  -0.788  1.00 27.04 ? 6   DA  A C2    1 
ATOM   120 N  N3    . DA  A 1 6  ? 3.194   0.449   -1.644  1.00 28.96 ? 6   DA  A N3    1 
ATOM   121 C  C4    . DA  A 1 6  ? 2.625   1.593   -2.072  1.00 30.02 ? 6   DA  A C4    1 
ATOM   122 P  P     . DT  A 1 7  ? 7.051   1.432   -6.773  1.00 41.09 ? 7   DT  A P     1 
ATOM   123 O  OP1   . DT  A 1 7  ? 8.490   1.173   -7.031  1.00 43.93 ? 7   DT  A OP1   1 
ATOM   124 O  OP2   . DT  A 1 7  ? 6.193   2.002   -7.844  1.00 39.78 ? 7   DT  A OP2   1 
ATOM   125 O  "O5'" . DT  A 1 7  ? 6.418   0.059   -6.288  1.00 37.79 ? 7   DT  A "O5'" 1 
ATOM   126 C  "C5'" . DT  A 1 7  ? 6.901   -0.565  -5.111  1.00 36.40 ? 7   DT  A "C5'" 1 
ATOM   127 C  "C4'" . DT  A 1 7  ? 5.975   -1.683  -4.706  1.00 36.03 ? 7   DT  A "C4'" 1 
ATOM   128 O  "O4'" . DT  A 1 7  ? 4.731   -1.145  -4.226  1.00 31.72 ? 7   DT  A "O4'" 1 
ATOM   129 C  "C3'" . DT  A 1 7  ? 5.614   -2.637  -5.846  1.00 33.88 ? 7   DT  A "C3'" 1 
ATOM   130 O  "O3'" . DT  A 1 7  ? 6.167   -3.911  -5.533  1.00 34.96 ? 7   DT  A "O3'" 1 
ATOM   131 C  "C2'" . DT  A 1 7  ? 4.088   -2.656  -5.867  1.00 35.87 ? 7   DT  A "C2'" 1 
ATOM   132 C  "C1'" . DT  A 1 7  ? 3.718   -2.074  -4.510  1.00 31.52 ? 7   DT  A "C1'" 1 
ATOM   133 N  N1    . DT  A 1 7  ? 2.426   -1.361  -4.418  1.00 30.49 ? 7   DT  A N1    1 
ATOM   134 C  C2    . DT  A 1 7  ? 1.490   -1.860  -3.538  1.00 27.11 ? 7   DT  A C2    1 
ATOM   135 O  O2    . DT  A 1 7  ? 1.654   -2.883  -2.895  1.00 26.18 ? 7   DT  A O2    1 
ATOM   136 N  N3    . DT  A 1 7  ? 0.340   -1.115  -3.443  1.00 25.96 ? 7   DT  A N3    1 
ATOM   137 C  C4    . DT  A 1 7  ? 0.035   0.034   -4.142  1.00 31.31 ? 7   DT  A C4    1 
ATOM   138 O  O4    . DT  A 1 7  ? -1.022  0.600   -3.938  1.00 26.70 ? 7   DT  A O4    1 
ATOM   139 C  C5    . DT  A 1 7  ? 1.039   0.474   -5.081  1.00 33.56 ? 7   DT  A C5    1 
ATOM   140 C  C7    . DT  A 1 7  ? 0.763   1.681   -5.923  1.00 35.64 ? 7   DT  A C7    1 
ATOM   141 C  C6    . DT  A 1 7  ? 2.176   -0.231  -5.163  1.00 27.65 ? 7   DT  A C6    1 
ATOM   142 P  P     . DT  A 1 8  ? 5.964   -5.139  -6.536  1.00 42.48 ? 8   DT  A P     1 
ATOM   143 O  OP1   . DT  A 1 8  ? 7.225   -5.920  -6.441  1.00 42.11 ? 8   DT  A OP1   1 
ATOM   144 O  OP2   . DT  A 1 8  ? 5.498   -4.644  -7.852  1.00 40.90 ? 8   DT  A OP2   1 
ATOM   145 O  "O5'" . DT  A 1 8  ? 4.799   -5.972  -5.846  1.00 37.75 ? 8   DT  A "O5'" 1 
ATOM   146 C  "C5'" . DT  A 1 8  ? 4.860   -6.256  -4.451  1.00 35.41 ? 8   DT  A "C5'" 1 
ATOM   147 C  "C4'" . DT  A 1 8  ? 3.539   -6.801  -3.971  1.00 36.49 ? 8   DT  A "C4'" 1 
ATOM   148 O  "O4'" . DT  A 1 8  ? 2.526   -5.774  -3.953  1.00 34.02 ? 8   DT  A "O4'" 1 
ATOM   149 C  "C3'" . DT  A 1 8  ? 2.987   -7.948  -4.816  1.00 39.48 ? 8   DT  A "C3'" 1 
ATOM   150 O  "O3'" . DT  A 1 8  ? 2.809   -9.080  -3.971  1.00 36.89 ? 8   DT  A "O3'" 1 
ATOM   151 C  "C2'" . DT  A 1 8  ? 1.663   -7.423  -5.358  1.00 36.22 ? 8   DT  A "C2'" 1 
ATOM   152 C  "C1'" . DT  A 1 8  ? 1.294   -6.332  -4.365  1.00 37.40 ? 8   DT  A "C1'" 1 
ATOM   153 N  N1    . DT  A 1 8  ? 0.484   -5.232  -4.912  1.00 29.78 ? 8   DT  A N1    1 
ATOM   154 C  C2    . DT  A 1 8  ? -0.741  -4.986  -4.341  1.00 30.13 ? 8   DT  A C2    1 
ATOM   155 O  O2    . DT  A 1 8  ? -1.224  -5.697  -3.472  1.00 27.70 ? 8   DT  A O2    1 
ATOM   156 N  N3    . DT  A 1 8  ? -1.388  -3.882  -4.837  1.00 26.73 ? 8   DT  A N3    1 
ATOM   157 C  C4    . DT  A 1 8  ? -0.953  -3.039  -5.845  1.00 27.22 ? 8   DT  A C4    1 
ATOM   158 O  O4    . DT  A 1 8  ? -1.637  -2.077  -6.173  1.00 27.78 ? 8   DT  A O4    1 
ATOM   159 C  C5    . DT  A 1 8  ? 0.322   -3.391  -6.437  1.00 34.28 ? 8   DT  A C5    1 
ATOM   160 C  C7    . DT  A 1 8  ? 0.863   -2.564  -7.560  1.00 33.67 ? 8   DT  A C7    1 
ATOM   161 C  C6    . DT  A 1 8  ? 0.967   -4.456  -5.944  1.00 29.73 ? 8   DT  A C6    1 
HETATM 162 P  P     . 5FC A 1 9  ? 2.133   -10.408 -4.549  1.00 45.97 ? 9   5FC A P     1 
HETATM 163 O  OP2   . 5FC A 1 9  ? 2.198   -10.419 -6.034  1.00 43.19 ? 9   5FC A OP2   1 
HETATM 164 O  OP1   . 5FC A 1 9  ? 2.697   -11.545 -3.780  1.00 52.28 ? 9   5FC A OP1   1 
HETATM 165 O  "O5'" . 5FC A 1 9  ? 0.612   -10.234 -4.125  1.00 40.62 ? 9   5FC A "O5'" 1 
HETATM 166 N  N1    . 5FC A 1 9  ? -2.942  -8.011  -5.099  1.00 30.09 ? 9   5FC A N1    1 
HETATM 167 C  C6    . 5FC A 1 9  ? -1.951  -7.915  -6.019  1.00 30.72 ? 9   5FC A C6    1 
HETATM 168 C  C2    . 5FC A 1 9  ? -4.012  -7.138  -5.157  1.00 34.60 ? 9   5FC A C2    1 
HETATM 169 O  O2    . 5FC A 1 9  ? -4.938  -7.277  -4.349  1.00 33.06 ? 9   5FC A O2    1 
HETATM 170 N  N3    . 5FC A 1 9  ? -4.024  -6.156  -6.097  1.00 25.51 ? 9   5FC A N3    1 
HETATM 171 C  C4    . 5FC A 1 9  ? -3.020  -6.002  -6.988  1.00 30.06 ? 9   5FC A C4    1 
HETATM 172 N  N4    . 5FC A 1 9  ? -3.038  -4.896  -7.742  1.00 28.39 ? 9   5FC A N4    1 
HETATM 173 C  C5    . 5FC A 1 9  ? -1.943  -6.962  -6.943  1.00 34.79 ? 9   5FC A C5    1 
HETATM 174 C  "C2'" . 5FC A 1 9  ? -2.757  -10.456 -4.420  1.00 41.08 ? 9   5FC A "C2'" 1 
HETATM 175 C  "C5'" . 5FC A 1 9  ? 0.269   -10.001 -2.763  1.00 37.83 ? 9   5FC A "C5'" 1 
HETATM 176 C  "C4'" . 5FC A 1 9  ? -1.231  -9.921  -2.624  1.00 40.09 ? 9   5FC A "C4'" 1 
HETATM 177 O  "O4'" . 5FC A 1 9  ? -1.714  -8.720  -3.261  1.00 34.85 ? 9   5FC A "O4'" 1 
HETATM 178 C  "C1'" . 5FC A 1 9  ? -2.884  -9.000  -4.006  1.00 33.59 ? 9   5FC A "C1'" 1 
HETATM 179 C  "C3'" . 5FC A 1 9  ? -1.973  -11.085 -3.272  1.00 35.07 ? 9   5FC A "C3'" 1 
HETATM 180 O  "O3'" . 5FC A 1 9  ? -2.819  -11.676 -2.291  1.00 47.42 ? 9   5FC A "O3'" 1 
HETATM 181 C  C5A   . 5FC A 1 9  ? -0.922  -6.930  -8.036  1.00 39.04 ? 9   5FC A C5A   1 
HETATM 182 O  O5A   . 5FC A 1 9  ? -0.923  -6.039  -8.884  1.00 46.40 ? 9   5FC A O5A   1 
ATOM   183 P  P     . DG  A 1 10 ? -3.440  -13.128 -2.549  1.00 51.92 ? 10  DG  A P     1 
ATOM   184 O  OP1   . DG  A 1 10 ? -3.618  -13.756 -1.217  1.00 54.97 ? 10  DG  A OP1   1 
ATOM   185 O  OP2   . DG  A 1 10 ? -2.654  -13.827 -3.600  1.00 47.38 ? 10  DG  A OP2   1 
ATOM   186 O  "O5'" . DG  A 1 10 ? -4.880  -12.789 -3.128  1.00 46.65 ? 10  DG  A "O5'" 1 
ATOM   187 C  "C5'" . DG  A 1 10 ? -5.795  -12.028 -2.348  1.00 43.03 ? 10  DG  A "C5'" 1 
ATOM   188 C  "C4'" . DG  A 1 10 ? -6.945  -11.561 -3.208  1.00 40.48 ? 10  DG  A "C4'" 1 
ATOM   189 O  "O4'" . DG  A 1 10 ? -6.495  -10.561 -4.154  1.00 35.03 ? 10  DG  A "O4'" 1 
ATOM   190 C  "C3'" . DG  A 1 10 ? -7.576  -12.669 -4.051  1.00 36.54 ? 10  DG  A "C3'" 1 
ATOM   191 O  "O3'" . DG  A 1 10 ? -8.972  -12.403 -4.144  1.00 42.82 ? 10  DG  A "O3'" 1 
ATOM   192 C  "C2'" . DG  A 1 10 ? -6.942  -12.440 -5.415  1.00 33.39 ? 10  DG  A "C2'" 1 
ATOM   193 C  "C1'" . DG  A 1 10 ? -6.997  -10.932 -5.423  1.00 33.98 ? 10  DG  A "C1'" 1 
ATOM   194 N  N9    . DG  A 1 10 ? -6.249  -10.214 -6.449  1.00 34.59 ? 10  DG  A N9    1 
ATOM   195 C  C8    . DG  A 1 10 ? -5.082  -10.586 -7.080  1.00 32.73 ? 10  DG  A C8    1 
ATOM   196 N  N7    . DG  A 1 10 ? -4.663  -9.700  -7.943  1.00 33.72 ? 10  DG  A N7    1 
ATOM   197 C  C5    . DG  A 1 10 ? -5.618  -8.686  -7.886  1.00 29.67 ? 10  DG  A C5    1 
ATOM   198 C  C6    . DG  A 1 10 ? -5.706  -7.459  -8.595  1.00 27.21 ? 10  DG  A C6    1 
ATOM   199 O  O6    . DG  A 1 10 ? -4.942  -7.013  -9.451  1.00 25.59 ? 10  DG  A O6    1 
ATOM   200 N  N1    . DG  A 1 10 ? -6.833  -6.730  -8.219  1.00 26.30 ? 10  DG  A N1    1 
ATOM   201 C  C2    . DG  A 1 10 ? -7.765  -7.138  -7.289  1.00 29.61 ? 10  DG  A C2    1 
ATOM   202 N  N2    . DG  A 1 10 ? -8.803  -6.312  -7.076  1.00 24.25 ? 10  DG  A N2    1 
ATOM   203 N  N3    . DG  A 1 10 ? -7.691  -8.276  -6.623  1.00 30.60 ? 10  DG  A N3    1 
ATOM   204 C  C4    . DG  A 1 10 ? -6.600  -8.992  -6.969  1.00 28.88 ? 10  DG  A C4    1 
ATOM   205 P  P     . DC  A 1 11 ? -10.016 -13.273 -3.292  1.00 49.53 ? 11  DC  A P     1 
ATOM   206 O  OP1   . DC  A 1 11 ? -9.438  -13.469 -1.937  1.00 48.08 ? 11  DC  A OP1   1 
ATOM   207 O  OP2   . DC  A 1 11 ? -10.385 -14.451 -4.117  1.00 46.07 ? 11  DC  A OP2   1 
ATOM   208 O  "O5'" . DC  A 1 11 ? -11.278 -12.312 -3.173  1.00 41.79 ? 11  DC  A "O5'" 1 
ATOM   209 C  "C5'" . DC  A 1 11 ? -11.206 -11.107 -2.414  1.00 41.40 ? 11  DC  A "C5'" 1 
ATOM   210 C  "C4'" . DC  A 1 11 ? -12.074 -10.041 -3.043  1.00 42.67 ? 11  DC  A "C4'" 1 
ATOM   211 O  "O4'" . DC  A 1 11 ? -11.459 -9.462  -4.217  1.00 37.97 ? 11  DC  A "O4'" 1 
ATOM   212 C  "C3'" . DC  A 1 11 ? -13.454 -10.509 -3.486  1.00 36.00 ? 11  DC  A "C3'" 1 
ATOM   213 O  "O3'" . DC  A 1 11 ? -14.412 -9.500  -3.170  1.00 42.21 ? 11  DC  A "O3'" 1 
ATOM   214 C  "C2'" . DC  A 1 11 ? -13.299 -10.693 -4.986  1.00 36.30 ? 11  DC  A "C2'" 1 
ATOM   215 C  "C1'" . DC  A 1 11 ? -12.295 -9.614  -5.352  1.00 36.47 ? 11  DC  A "C1'" 1 
ATOM   216 N  N1    . DC  A 1 11 ? -11.416 -9.918  -6.489  1.00 34.42 ? 11  DC  A N1    1 
ATOM   217 C  C2    . DC  A 1 11 ? -11.183 -8.926  -7.445  1.00 30.78 ? 11  DC  A C2    1 
ATOM   218 O  O2    . DC  A 1 11 ? -11.814 -7.857  -7.369  1.00 30.71 ? 11  DC  A O2    1 
ATOM   219 N  N3    . DC  A 1 11 ? -10.277 -9.158  -8.428  1.00 32.31 ? 11  DC  A N3    1 
ATOM   220 C  C4    . DC  A 1 11 ? -9.628  -10.323 -8.474  1.00 34.04 ? 11  DC  A C4    1 
ATOM   221 N  N4    . DC  A 1 11 ? -8.679  -10.480 -9.403  1.00 30.83 ? 11  DC  A N4    1 
ATOM   222 C  C5    . DC  A 1 11 ? -9.904  -11.375 -7.554  1.00 38.10 ? 11  DC  A C5    1 
ATOM   223 C  C6    . DC  A 1 11 ? -10.798 -11.132 -6.590  1.00 33.28 ? 11  DC  A C6    1 
ATOM   224 P  P     . DG  A 1 12 ? -15.971 -9.861  -3.173  1.00 41.99 ? 12  DG  A P     1 
ATOM   225 O  OP1   . DG  A 1 12 ? -16.665 -8.818  -2.375  1.00 43.60 ? 12  DG  A OP1   1 
ATOM   226 O  OP2   . DG  A 1 12 ? -16.124 -11.291 -2.815  1.00 49.74 ? 12  DG  A OP2   1 
ATOM   227 O  "O5'" . DG  A 1 12 ? -16.399 -9.706  -4.701  1.00 41.32 ? 12  DG  A "O5'" 1 
ATOM   228 C  "C5'" . DG  A 1 12 ? -16.662 -8.422  -5.265  1.00 42.37 ? 12  DG  A "C5'" 1 
ATOM   229 C  "C4'" . DG  A 1 12 ? -16.821 -8.541  -6.763  1.00 39.37 ? 12  DG  A "C4'" 1 
ATOM   230 O  "O4'" . DG  A 1 12 ? -15.569 -8.933  -7.346  1.00 39.10 ? 12  DG  A "O4'" 1 
ATOM   231 C  "C3'" . DG  A 1 12 ? -17.808 -9.618  -7.210  1.00 38.94 ? 12  DG  A "C3'" 1 
ATOM   232 O  "O3'" . DG  A 1 12 ? -19.162 -9.156  -7.260  1.00 40.96 ? 12  DG  A "O3'" 1 
ATOM   233 C  "C2'" . DG  A 1 12 ? -17.216 -10.158 -8.506  1.00 35.77 ? 12  DG  A "C2'" 1 
ATOM   234 C  "C1'" . DG  A 1 12 ? -15.855 -9.471  -8.621  1.00 38.34 ? 12  DG  A "C1'" 1 
ATOM   235 N  N9    . DG  A 1 12 ? -14.744 -10.337 -8.993  1.00 37.04 ? 12  DG  A N9    1 
ATOM   236 C  C8    . DG  A 1 12 ? -14.436 -11.580 -8.488  1.00 43.71 ? 12  DG  A C8    1 
ATOM   237 N  N7    . DG  A 1 12 ? -13.353 -12.088 -9.012  1.00 34.71 ? 12  DG  A N7    1 
ATOM   238 C  C5    . DG  A 1 12 ? -12.927 -11.124 -9.918  1.00 35.13 ? 12  DG  A C5    1 
ATOM   239 C  C6    . DG  A 1 12 ? -11.803 -11.104 -10.783 1.00 32.49 ? 12  DG  A C6    1 
ATOM   240 O  O6    . DG  A 1 12 ? -10.919 -11.961 -10.912 1.00 36.39 ? 12  DG  A O6    1 
ATOM   241 N  N1    . DG  A 1 12 ? -11.758 -9.935  -11.538 1.00 32.58 ? 12  DG  A N1    1 
ATOM   242 C  C2    . DG  A 1 12 ? -12.674 -8.909  -11.463 1.00 28.75 ? 12  DG  A C2    1 
ATOM   243 N  N2    . DG  A 1 12 ? -12.473 -7.854  -12.269 1.00 30.13 ? 12  DG  A N2    1 
ATOM   244 N  N3    . DG  A 1 12 ? -13.717 -8.918  -10.654 1.00 30.06 ? 12  DG  A N3    1 
ATOM   245 C  C4    . DG  A 1 12 ? -13.781 -10.044 -9.920  1.00 32.63 ? 12  DG  A C4    1 
ATOM   246 O  "O5'" . DC  B 1 1  ? -6.913  -9.358  -18.901 1.00 65.38 ? 1   DC  B "O5'" 1 
ATOM   247 C  "C5'" . DC  B 1 1  ? -8.007  -8.696  -19.540 1.00 60.50 ? 1   DC  B "C5'" 1 
ATOM   248 C  "C4'" . DC  B 1 1  ? -8.688  -7.723  -18.608 1.00 58.00 ? 1   DC  B "C4'" 1 
ATOM   249 O  "O4'" . DC  B 1 1  ? -9.276  -8.430  -17.490 1.00 53.14 ? 1   DC  B "O4'" 1 
ATOM   250 C  "C3'" . DC  B 1 1  ? -7.771  -6.668  -17.992 1.00 56.66 ? 1   DC  B "C3'" 1 
ATOM   251 O  "O3'" . DC  B 1 1  ? -8.508  -5.459  -17.827 1.00 65.14 ? 1   DC  B "O3'" 1 
ATOM   252 C  "C2'" . DC  B 1 1  ? -7.455  -7.249  -16.626 1.00 56.12 ? 1   DC  B "C2'" 1 
ATOM   253 C  "C1'" . DC  B 1 1  ? -8.783  -7.893  -16.274 1.00 45.67 ? 1   DC  B "C1'" 1 
ATOM   254 N  N1    . DC  B 1 1  ? -8.717  -8.987  -15.297 1.00 41.49 ? 1   DC  B N1    1 
ATOM   255 C  C2    . DC  B 1 1  ? -9.635  -8.994  -14.242 1.00 37.52 ? 1   DC  B C2    1 
ATOM   256 O  O2    . DC  B 1 1  ? -10.438 -8.056  -14.143 1.00 37.39 ? 1   DC  B O2    1 
ATOM   257 N  N3    . DC  B 1 1  ? -9.621  -10.014 -13.358 1.00 36.84 ? 1   DC  B N3    1 
ATOM   258 C  C4    . DC  B 1 1  ? -8.723  -10.993 -13.485 1.00 44.86 ? 1   DC  B C4    1 
ATOM   259 N  N4    . DC  B 1 1  ? -8.752  -11.983 -12.591 1.00 47.20 ? 1   DC  B N4    1 
ATOM   260 C  C5    . DC  B 1 1  ? -7.759  -11.000 -14.535 1.00 49.43 ? 1   DC  B C5    1 
ATOM   261 C  C6    . DC  B 1 1  ? -7.795  -9.988  -15.413 1.00 46.76 ? 1   DC  B C6    1 
ATOM   262 P  P     . DG  B 1 2  ? -7.764  -4.046  -17.963 1.00 69.61 ? 2   DG  B P     1 
ATOM   263 O  OP1   . DG  B 1 2  ? -7.985  -3.563  -19.347 1.00 67.56 ? 2   DG  B OP1   1 
ATOM   264 O  OP2   . DG  B 1 2  ? -6.381  -4.171  -17.433 1.00 69.57 ? 2   DG  B OP2   1 
ATOM   265 O  "O5'" . DG  B 1 2  ? -8.589  -3.105  -16.986 1.00 62.00 ? 2   DG  B "O5'" 1 
ATOM   266 C  "C5'" . DG  B 1 2  ? -10.001 -2.977  -17.121 1.00 54.96 ? 2   DG  B "C5'" 1 
ATOM   267 C  "C4'" . DG  B 1 2  ? -10.601 -2.563  -15.800 1.00 46.92 ? 2   DG  B "C4'" 1 
ATOM   268 O  "O4'" . DG  B 1 2  ? -10.553 -3.681  -14.886 1.00 41.69 ? 2   DG  B "O4'" 1 
ATOM   269 C  "C3'" . DG  B 1 2  ? -9.837  -1.422  -15.129 1.00 41.81 ? 2   DG  B "C3'" 1 
ATOM   270 O  "O3'" . DG  B 1 2  ? -10.724 -0.404  -14.678 1.00 44.15 ? 2   DG  B "O3'" 1 
ATOM   271 C  "C2'" . DG  B 1 2  ? -9.124  -2.075  -13.961 1.00 41.12 ? 2   DG  B "C2'" 1 
ATOM   272 C  "C1'" . DG  B 1 2  ? -9.992  -3.279  -13.650 1.00 40.55 ? 2   DG  B "C1'" 1 
ATOM   273 N  N9    . DG  B 1 2  ? -9.231  -4.412  -13.139 1.00 37.22 ? 2   DG  B N9    1 
ATOM   274 C  C8    . DG  B 1 2  ? -8.021  -4.859  -13.604 1.00 36.73 ? 2   DG  B C8    1 
ATOM   275 N  N7    . DG  B 1 2  ? -7.586  -5.908  -12.966 1.00 33.85 ? 2   DG  B N7    1 
ATOM   276 C  C5    . DG  B 1 2  ? -8.570  -6.170  -12.022 1.00 34.80 ? 2   DG  B C5    1 
ATOM   277 C  C6    . DG  B 1 2  ? -8.651  -7.191  -11.053 1.00 31.90 ? 2   DG  B C6    1 
ATOM   278 O  O6    . DG  B 1 2  ? -7.858  -8.111  -10.840 1.00 29.78 ? 2   DG  B O6    1 
ATOM   279 N  N1    . DG  B 1 2  ? -9.807  -7.073  -10.282 1.00 23.31 ? 2   DG  B N1    1 
ATOM   280 C  C2    . DG  B 1 2  ? -10.758 -6.103  -10.435 1.00 32.68 ? 2   DG  B C2    1 
ATOM   281 N  N2    . DG  B 1 2  ? -11.780 -6.138  -9.569  1.00 29.61 ? 2   DG  B N2    1 
ATOM   282 N  N3    . DG  B 1 2  ? -10.707 -5.161  -11.361 1.00 33.74 ? 2   DG  B N3    1 
ATOM   283 C  C4    . DG  B 1 2  ? -9.587  -5.250  -12.109 1.00 34.68 ? 2   DG  B C4    1 
ATOM   284 P  P     . DC  B 1 3  ? -10.122 0.905   -13.970 1.00 47.58 ? 3   DC  B P     1 
ATOM   285 O  OP1   . DC  B 1 3  ? -10.968 2.052   -14.376 1.00 52.22 ? 3   DC  B OP1   1 
ATOM   286 O  OP2   . DC  B 1 3  ? -8.661  0.944   -14.206 1.00 47.17 ? 3   DC  B OP2   1 
ATOM   287 O  "O5'" . DC  B 1 3  ? -10.373 0.635   -12.426 1.00 39.12 ? 3   DC  B "O5'" 1 
ATOM   288 C  "C5'" . DC  B 1 3  ? -11.678 0.304   -11.956 1.00 38.41 ? 3   DC  B "C5'" 1 
ATOM   289 C  "C4'" . DC  B 1 3  ? -11.576 -0.424  -10.639 1.00 32.50 ? 3   DC  B "C4'" 1 
ATOM   290 O  "O4'" . DC  B 1 3  ? -10.791 -1.613  -10.832 1.00 37.76 ? 3   DC  B "O4'" 1 
ATOM   291 C  "C3'" . DC  B 1 3  ? -10.821 0.363   -9.578  1.00 33.36 ? 3   DC  B "C3'" 1 
ATOM   292 O  "O3'" . DC  B 1 3  ? -11.763 1.116   -8.831  1.00 36.10 ? 3   DC  B "O3'" 1 
ATOM   293 C  "C2'" . DC  B 1 3  ? -10.195 -0.720  -8.713  1.00 33.87 ? 3   DC  B "C2'" 1 
ATOM   294 C  "C1'" . DC  B 1 3  ? -10.195 -1.968  -9.597  1.00 33.23 ? 3   DC  B "C1'" 1 
ATOM   295 N  N1    . DC  B 1 3  ? -8.864  -2.525  -9.880  1.00 31.91 ? 3   DC  B N1    1 
ATOM   296 C  C2    . DC  B 1 3  ? -8.450  -3.637  -9.150  1.00 28.48 ? 3   DC  B C2    1 
ATOM   297 O  O2    . DC  B 1 3  ? -9.205  -4.081  -8.283  1.00 29.11 ? 3   DC  B O2    1 
ATOM   298 N  N3    . DC  B 1 3  ? -7.252  -4.191  -9.406  1.00 28.89 ? 3   DC  B N3    1 
ATOM   299 C  C4    . DC  B 1 3  ? -6.466  -3.669  -10.354 1.00 31.17 ? 3   DC  B C4    1 
ATOM   300 N  N4    . DC  B 1 3  ? -5.283  -4.246  -10.573 1.00 36.36 ? 3   DC  B N4    1 
ATOM   301 C  C5    . DC  B 1 3  ? -6.859  -2.527  -11.114 1.00 33.35 ? 3   DC  B C5    1 
ATOM   302 C  C6    . DC  B 1 3  ? -8.055  -1.988  -10.841 1.00 36.38 ? 3   DC  B C6    1 
ATOM   303 P  P     . DG  B 1 4  ? -11.266 2.161   -7.737  1.00 37.30 ? 4   DG  B P     1 
ATOM   304 O  OP1   . DG  B 1 4  ? -12.317 3.210   -7.668  1.00 49.28 ? 4   DG  B OP1   1 
ATOM   305 O  OP2   . DG  B 1 4  ? -9.853  2.541   -8.007  1.00 41.62 ? 4   DG  B OP2   1 
ATOM   306 O  "O5'" . DG  B 1 4  ? -11.290 1.329   -6.384  1.00 39.33 ? 4   DG  B "O5'" 1 
ATOM   307 C  "C5'" . DG  B 1 4  ? -12.470 0.666   -5.967  1.00 32.54 ? 4   DG  B "C5'" 1 
ATOM   308 C  "C4'" . DG  B 1 4  ? -12.159 -0.236  -4.799  1.00 36.87 ? 4   DG  B "C4'" 1 
ATOM   309 O  "O4'" . DG  B 1 4  ? -11.144 -1.180  -5.211  1.00 28.28 ? 4   DG  B "O4'" 1 
ATOM   310 C  "C3'" . DG  B 1 4  ? -11.601 0.477   -3.571  1.00 32.26 ? 4   DG  B "C3'" 1 
ATOM   311 O  "O3'" . DG  B 1 4  ? -12.180 -0.139  -2.412  1.00 39.02 ? 4   DG  B "O3'" 1 
ATOM   312 C  "C2'" . DG  B 1 4  ? -10.098 0.294   -3.707  1.00 37.88 ? 4   DG  B "C2'" 1 
ATOM   313 C  "C1'" . DG  B 1 4  ? -9.983  -1.050  -4.410  1.00 31.49 ? 4   DG  B "C1'" 1 
ATOM   314 N  N9    . DG  B 1 4  ? -8.818  -1.207  -5.275  1.00 29.80 ? 4   DG  B N9    1 
ATOM   315 C  C8    . DG  B 1 4  ? -8.277  -0.288  -6.144  1.00 29.71 ? 4   DG  B C8    1 
ATOM   316 N  N7    . DG  B 1 4  ? -7.212  -0.732  -6.759  1.00 31.56 ? 4   DG  B N7    1 
ATOM   317 C  C5    . DG  B 1 4  ? -7.043  -2.023  -6.267  1.00 27.13 ? 4   DG  B C5    1 
ATOM   318 C  C6    . DG  B 1 4  ? -6.045  -2.997  -6.548  1.00 26.06 ? 4   DG  B C6    1 
ATOM   319 O  O6    . DG  B 1 4  ? -5.083  -2.923  -7.331  1.00 27.05 ? 4   DG  B O6    1 
ATOM   320 N  N1    . DG  B 1 4  ? -6.247  -4.157  -5.811  1.00 25.76 ? 4   DG  B N1    1 
ATOM   321 C  C2    . DG  B 1 4  ? -7.280  -4.366  -4.927  1.00 22.87 ? 4   DG  B C2    1 
ATOM   322 N  N2    . DG  B 1 4  ? -7.306  -5.557  -4.296  1.00 22.37 ? 4   DG  B N2    1 
ATOM   323 N  N3    . DG  B 1 4  ? -8.219  -3.476  -4.673  1.00 28.27 ? 4   DG  B N3    1 
ATOM   324 C  C4    . DG  B 1 4  ? -8.033  -2.333  -5.364  1.00 28.03 ? 4   DG  B C4    1 
ATOM   325 P  P     . DA  B 1 5  ? -11.446 -0.067  -0.986  1.00 40.62 ? 5   DA  B P     1 
ATOM   326 O  OP1   . DA  B 1 5  ? -12.518 -0.198  0.038   1.00 39.80 ? 5   DA  B OP1   1 
ATOM   327 O  OP2   . DA  B 1 5  ? -10.495 1.076   -0.926  1.00 39.68 ? 5   DA  B OP2   1 
ATOM   328 O  "O5'" . DA  B 1 5  ? -10.613 -1.421  -0.936  1.00 34.58 ? 5   DA  B "O5'" 1 
ATOM   329 C  "C5'" . DA  B 1 5  ? -11.271 -2.671  -1.064  1.00 37.82 ? 5   DA  B "C5'" 1 
ATOM   330 C  "C4'" . DA  B 1 5  ? -10.383 -3.770  -0.539  1.00 31.60 ? 5   DA  B "C4'" 1 
ATOM   331 O  "O4'" . DA  B 1 5  ? -9.212  -3.887  -1.380  1.00 31.90 ? 5   DA  B "O4'" 1 
ATOM   332 C  "C3'" . DA  B 1 5  ? -9.860  -3.559  0.877   1.00 34.16 ? 5   DA  B "C3'" 1 
ATOM   333 O  "O3'" . DA  B 1 5  ? -9.823  -4.827  1.525   1.00 38.65 ? 5   DA  B "O3'" 1 
ATOM   334 C  "C2'" . DA  B 1 5  ? -8.466  -2.988  0.668   1.00 37.09 ? 5   DA  B "C2'" 1 
ATOM   335 C  "C1'" . DA  B 1 5  ? -8.027  -3.603  -0.653  1.00 27.64 ? 5   DA  B "C1'" 1 
ATOM   336 N  N9    . DA  B 1 5  ? -7.204  -2.738  -1.499  1.00 30.42 ? 5   DA  B N9    1 
ATOM   337 C  C8    . DA  B 1 5  ? -7.456  -1.444  -1.874  1.00 25.84 ? 5   DA  B C8    1 
ATOM   338 N  N7    . DA  B 1 5  ? -6.570  -0.950  -2.708  1.00 31.78 ? 5   DA  B N7    1 
ATOM   339 C  C5    . DA  B 1 5  ? -5.664  -1.980  -2.878  1.00 26.83 ? 5   DA  B C5    1 
ATOM   340 C  C6    . DA  B 1 5  ? -4.502  -2.090  -3.651  1.00 22.74 ? 5   DA  B C6    1 
ATOM   341 N  N6    . DA  B 1 5  ? -4.041  -1.112  -4.442  1.00 22.83 ? 5   DA  B N6    1 
ATOM   342 N  N1    . DA  B 1 5  ? -3.823  -3.251  -3.594  1.00 26.57 ? 5   DA  B N1    1 
ATOM   343 C  C2    . DA  B 1 5  ? -4.297  -4.236  -2.809  1.00 24.06 ? 5   DA  B C2    1 
ATOM   344 N  N3    . DA  B 1 5  ? -5.380  -4.254  -2.044  1.00 27.00 ? 5   DA  B N3    1 
ATOM   345 C  C4    . DA  B 1 5  ? -6.028  -3.084  -2.123  1.00 25.69 ? 5   DA  B C4    1 
ATOM   346 P  P     . DA  B 1 6  ? -9.194  -4.960  2.991   1.00 40.60 ? 6   DA  B P     1 
ATOM   347 O  OP1   . DA  B 1 6  ? -9.822  -6.157  3.609   1.00 44.10 ? 6   DA  B OP1   1 
ATOM   348 O  OP2   . DA  B 1 6  ? -9.236  -3.649  3.699   1.00 43.66 ? 6   DA  B OP2   1 
ATOM   349 O  "O5'" . DA  B 1 6  ? -7.677  -5.323  2.699   1.00 35.42 ? 6   DA  B "O5'" 1 
ATOM   350 C  "C5'" . DA  B 1 6  ? -7.347  -6.522  2.015   1.00 37.13 ? 6   DA  B "C5'" 1 
ATOM   351 C  "C4'" . DA  B 1 6  ? -5.850  -6.663  1.955   1.00 37.34 ? 6   DA  B "C4'" 1 
ATOM   352 O  "O4'" . DA  B 1 6  ? -5.330  -5.648  1.074   1.00 33.81 ? 6   DA  B "O4'" 1 
ATOM   353 C  "C3'" . DA  B 1 6  ? -5.173  -6.452  3.309   1.00 39.01 ? 6   DA  B "C3'" 1 
ATOM   354 O  "O3'" . DA  B 1 6  ? -4.414  -7.618  3.636   1.00 48.71 ? 6   DA  B "O3'" 1 
ATOM   355 C  "C2'" . DA  B 1 6  ? -4.322  -5.199  3.129   1.00 40.65 ? 6   DA  B "C2'" 1 
ATOM   356 C  "C1'" . DA  B 1 6  ? -4.158  -5.094  1.621   1.00 33.59 ? 6   DA  B "C1'" 1 
ATOM   357 N  N9    . DA  B 1 6  ? -4.036  -3.742  1.079   1.00 29.59 ? 6   DA  B N9    1 
ATOM   358 C  C8    . DA  B 1 6  ? -4.851  -2.666  1.305   1.00 28.68 ? 6   DA  B C8    1 
ATOM   359 N  N7    . DA  B 1 6  ? -4.515  -1.595  0.622   1.00 29.61 ? 6   DA  B N7    1 
ATOM   360 C  C5    . DA  B 1 6  ? -3.397  -1.994  -0.093  1.00 26.61 ? 6   DA  B C5    1 
ATOM   361 C  C6    . DA  B 1 6  ? -2.587  -1.328  -1.023  1.00 25.95 ? 6   DA  B C6    1 
ATOM   362 N  N6    . DA  B 1 6  ? -2.799  -0.071  -1.428  1.00 23.37 ? 6   DA  B N6    1 
ATOM   363 N  N1    . DA  B 1 6  ? -1.546  -2.007  -1.549  1.00 22.82 ? 6   DA  B N1    1 
ATOM   364 C  C2    . DA  B 1 6  ? -1.356  -3.282  -1.179  1.00 24.37 ? 6   DA  B C2    1 
ATOM   365 N  N3    . DA  B 1 6  ? -2.062  -4.023  -0.325  1.00 27.82 ? 6   DA  B N3    1 
ATOM   366 C  C4    . DA  B 1 6  ? -3.080  -3.311  0.189   1.00 28.14 ? 6   DA  B C4    1 
ATOM   367 P  P     . DT  B 1 7  ? -3.464  -7.621  4.930   1.00 47.20 ? 7   DT  B P     1 
ATOM   368 O  OP1   . DT  B 1 7  ? -3.412  -9.025  5.397   1.00 50.91 ? 7   DT  B OP1   1 
ATOM   369 O  OP2   . DT  B 1 7  ? -3.873  -6.541  5.876   1.00 46.12 ? 7   DT  B OP2   1 
ATOM   370 O  "O5'" . DT  B 1 7  ? -2.039  -7.235  4.330   1.00 46.56 ? 7   DT  B "O5'" 1 
ATOM   371 C  "C5'" . DT  B 1 7  ? -1.534  -7.899  3.171   1.00 39.75 ? 7   DT  B "C5'" 1 
ATOM   372 C  "C4'" . DT  B 1 7  ? -0.282  -7.214  2.678   1.00 40.62 ? 7   DT  B "C4'" 1 
ATOM   373 O  "O4'" . DT  B 1 7  ? -0.574  -5.911  2.120   1.00 31.56 ? 7   DT  B "O4'" 1 
ATOM   374 C  "C3'" . DT  B 1 7  ? 0.797   -7.001  3.741   1.00 36.52 ? 7   DT  B "C3'" 1 
ATOM   375 O  "O3'" . DT  B 1 7  ? 1.933   -7.799  3.395   1.00 47.10 ? 7   DT  B "O3'" 1 
ATOM   376 C  "C2'" . DT  B 1 7  ? 1.086   -5.503  3.713   1.00 38.81 ? 7   DT  B "C2'" 1 
ATOM   377 C  "C1'" . DT  B 1 7  ? 0.508   -5.044  2.382   1.00 28.62 ? 7   DT  B "C1'" 1 
ATOM   378 N  N1    . DT  B 1 7  ? -0.011  -3.656  2.339   1.00 32.13 ? 7   DT  B N1    1 
ATOM   379 C  C2    . DT  B 1 7  ? 0.584   -2.760  1.476   1.00 28.44 ? 7   DT  B C2    1 
ATOM   380 O  O2    . DT  B 1 7  ? 1.549   -3.039  0.784   1.00 32.79 ? 7   DT  B O2    1 
ATOM   381 N  N3    . DT  B 1 7  ? 0.000   -1.513  1.443   1.00 23.53 ? 7   DT  B N3    1 
ATOM   382 C  C4    . DT  B 1 7  ? -1.093  -1.089  2.177   1.00 29.62 ? 7   DT  B C4    1 
ATOM   383 O  O4    . DT  B 1 7  ? -1.525  0.049   2.023   1.00 27.15 ? 7   DT  B O4    1 
ATOM   384 C  C5    . DT  B 1 7  ? -1.646  -2.067  3.088   1.00 26.43 ? 7   DT  B C5    1 
ATOM   385 C  C7    . DT  B 1 7  ? -2.814  -1.679  3.941   1.00 31.36 ? 7   DT  B C7    1 
ATOM   386 C  C6    . DT  B 1 7  ? -1.082  -3.286  3.126   1.00 29.93 ? 7   DT  B C6    1 
ATOM   387 P  P     . DT  B 1 8  ? 3.275   -7.708  4.270   1.00 48.79 ? 8   DT  B P     1 
ATOM   388 O  OP1   . DT  B 1 8  ? 3.950   -9.022  4.129   1.00 56.01 ? 8   DT  B OP1   1 
ATOM   389 O  OP2   . DT  B 1 8  ? 2.941   -7.191  5.624   1.00 47.94 ? 8   DT  B OP2   1 
ATOM   390 O  "O5'" . DT  B 1 8  ? 4.134   -6.611  3.501   1.00 40.72 ? 8   DT  B "O5'" 1 
ATOM   391 C  "C5'" . DT  B 1 8  ? 4.277   -6.673  2.089   1.00 38.31 ? 8   DT  B "C5'" 1 
ATOM   392 C  "C4'" . DT  B 1 8  ? 5.038   -5.469  1.594   1.00 36.66 ? 8   DT  B "C4'" 1 
ATOM   393 O  "O4'" . DT  B 1 8  ? 4.230   -4.277  1.672   1.00 36.72 ? 8   DT  B "O4'" 1 
ATOM   394 C  "C3'" . DT  B 1 8  ? 6.315   -5.176  2.378   1.00 39.16 ? 8   DT  B "C3'" 1 
ATOM   395 O  "O3'" . DT  B 1 8  ? 7.379   -5.032  1.447   1.00 47.67 ? 8   DT  B "O3'" 1 
ATOM   396 C  "C2'" . DT  B 1 8  ? 6.019   -3.873  3.110   1.00 37.17 ? 8   DT  B "C2'" 1 
ATOM   397 C  "C1'" . DT  B 1 8  ? 5.000   -3.213  2.197   1.00 31.44 ? 8   DT  B "C1'" 1 
ATOM   398 N  N1    . DT  B 1 8  ? 4.055   -2.295  2.849   1.00 31.52 ? 8   DT  B N1    1 
ATOM   399 C  C2    . DT  B 1 8  ? 3.913   -1.047  2.307   1.00 28.02 ? 8   DT  B C2    1 
ATOM   400 O  O2    . DT  B 1 8  ? 4.619   -0.638  1.401   1.00 29.43 ? 8   DT  B O2    1 
ATOM   401 N  N3    . DT  B 1 8  ? 2.920   -0.287  2.874   1.00 27.99 ? 8   DT  B N3    1 
ATOM   402 C  C4    . DT  B 1 8  ? 2.099   -0.643  3.929   1.00 27.36 ? 8   DT  B C4    1 
ATOM   403 O  O4    . DT  B 1 8  ? 1.213   0.117   4.294   1.00 30.26 ? 8   DT  B O4    1 
ATOM   404 C  C5    . DT  B 1 8  ? 2.367   -1.948  4.508   1.00 29.26 ? 8   DT  B C5    1 
ATOM   405 C  C7    . DT  B 1 8  ? 1.593   -2.388  5.710   1.00 35.89 ? 8   DT  B C7    1 
ATOM   406 C  C6    . DT  B 1 8  ? 3.312   -2.701  3.938   1.00 30.03 ? 8   DT  B C6    1 
HETATM 407 P  P     . 5FC B 1 9  ? 8.879   -4.880  1.975   1.00 48.46 ? 9   5FC B P     1 
HETATM 408 O  OP2   . 5FC B 1 9  ? 8.926   -5.298  3.396   1.00 47.33 ? 9   5FC B OP2   1 
HETATM 409 O  OP1   . 5FC B 1 9  ? 9.760   -5.540  0.975   1.00 55.41 ? 9   5FC B OP1   1 
HETATM 410 O  "O5'" . 5FC B 1 9  ? 9.119   -3.312  1.906   1.00 44.13 ? 9   5FC B "O5'" 1 
HETATM 411 N  N1    . 5FC B 1 9  ? 7.019   0.570   3.505   1.00 34.01 ? 9   5FC B N1    1 
HETATM 412 C  C6    . 5FC B 1 9  ? 6.739   -0.436  4.366   1.00 35.31 ? 9   5FC B C6    1 
HETATM 413 C  C2    . 5FC B 1 9  ? 6.321   1.755   3.590   1.00 32.43 ? 9   5FC B C2    1 
HETATM 414 O  O2    . 5FC B 1 9  ? 6.641   2.686   2.839   1.00 33.03 ? 9   5FC B O2    1 
HETATM 415 N  N3    . 5FC B 1 9  ? 5.313   1.879   4.493   1.00 36.90 ? 9   5FC B N3    1 
HETATM 416 C  C4    . 5FC B 1 9  ? 4.981   0.882   5.332   1.00 36.29 ? 9   5FC B C4    1 
HETATM 417 N  N4    . 5FC B 1 9  ? 3.890   1.059   6.088   1.00 29.63 ? 9   5FC B N4    1 
HETATM 418 C  C5    . 5FC B 1 9  ? 5.768   -0.331  5.267   1.00 39.51 ? 9   5FC B C5    1 
HETATM 419 C  "C2'" . 5FC B 1 9  ? 9.464   0.216   2.910   1.00 39.82 ? 9   5FC B "C2'" 1 
HETATM 420 C  "C5'" . 5FC B 1 9  ? 8.887   -2.601  0.699   1.00 43.20 ? 9   5FC B "C5'" 1 
HETATM 421 C  "C4'" . 5FC B 1 9  ? 8.887   -1.119  0.976   1.00 42.89 ? 9   5FC B "C4'" 1 
HETATM 422 O  "O4'" . 5FC B 1 9  ? 7.710   -0.745  1.714   1.00 38.40 ? 9   5FC B "O4'" 1 
HETATM 423 C  "C1'" . 5FC B 1 9  ? 8.030   0.420   2.446   1.00 39.27 ? 9   5FC B "C1'" 1 
HETATM 424 C  "C3'" . 5FC B 1 9  ? 10.074  -0.659  1.818   1.00 38.95 ? 9   5FC B "C3'" 1 
HETATM 425 O  "O3'" . 5FC B 1 9  ? 10.974  0.069   0.984   1.00 45.73 ? 9   5FC B "O3'" 1 
HETATM 426 C  C5A   . 5FC B 1 9  ? 5.557   -1.369  6.326   1.00 43.34 ? 9   5FC B C5A   1 
HETATM 427 O  O5A   . 5FC B 1 9  ? 4.651   -1.259  7.154   1.00 53.62 ? 9   5FC B O5A   1 
ATOM   428 P  P     . DG  B 1 10 ? 12.474  0.332   1.480   1.00 49.46 ? 10  DG  B P     1 
ATOM   429 O  OP1   . DG  B 1 10 ? 13.343  0.381   0.279   1.00 58.19 ? 10  DG  B OP1   1 
ATOM   430 O  OP2   . DG  B 1 10 ? 12.792  -0.603  2.590   1.00 50.55 ? 10  DG  B OP2   1 
ATOM   431 O  "O5'" . DG  B 1 10 ? 12.405  1.796   2.084   1.00 46.71 ? 10  DG  B "O5'" 1 
ATOM   432 C  "C5'" . DG  B 1 10 ? 11.983  2.884   1.275   1.00 42.63 ? 10  DG  B "C5'" 1 
ATOM   433 C  "C4'" . DG  B 1 10 ? 11.647  4.062   2.153   1.00 45.72 ? 10  DG  B "C4'" 1 
ATOM   434 O  "O4'" . DG  B 1 10 ? 10.489  3.747   2.962   1.00 39.34 ? 10  DG  B "O4'" 1 
ATOM   435 C  "C3'" . DG  B 1 10 ? 12.756  4.427   3.142   1.00 47.95 ? 10  DG  B "C3'" 1 
ATOM   436 O  "O3'" . DG  B 1 10 ? 12.898  5.838   3.133   1.00 55.19 ? 10  DG  B "O3'" 1 
ATOM   437 C  "C2'" . DG  B 1 10 ? 12.203  3.978   4.486   1.00 43.37 ? 10  DG  B "C2'" 1 
ATOM   438 C  "C1'" . DG  B 1 10 ? 10.730  4.226   4.263   1.00 41.00 ? 10  DG  B "C1'" 1 
ATOM   439 N  N9    . DG  B 1 10 ? 9.796   3.560   5.162   1.00 38.06 ? 10  DG  B N9    1 
ATOM   440 C  C8    . DG  B 1 10 ? 9.882   2.296   5.688   1.00 39.32 ? 10  DG  B C8    1 
ATOM   441 N  N7    . DG  B 1 10 ? 8.865   1.990   6.447   1.00 38.44 ? 10  DG  B N7    1 
ATOM   442 C  C5    . DG  B 1 10 ? 8.062   3.125   6.420   1.00 37.72 ? 10  DG  B C5    1 
ATOM   443 C  C6    . DG  B 1 10 ? 6.820   3.388   7.051   1.00 29.92 ? 10  DG  B C6    1 
ATOM   444 O  O6    . DG  B 1 10 ? 6.155   2.640   7.778   1.00 29.81 ? 10  DG  B O6    1 
ATOM   445 N  N1    . DG  B 1 10 ? 6.359   4.676   6.764   1.00 31.00 ? 10  DG  B N1    1 
ATOM   446 C  C2    . DG  B 1 10 ? 7.012   5.584   5.964   1.00 33.18 ? 10  DG  B C2    1 
ATOM   447 N  N2    . DG  B 1 10 ? 6.426   6.783   5.800   1.00 28.82 ? 10  DG  B N2    1 
ATOM   448 N  N3    . DG  B 1 10 ? 8.163   5.339   5.364   1.00 34.50 ? 10  DG  B N3    1 
ATOM   449 C  C4    . DG  B 1 10 ? 8.625   4.101   5.637   1.00 36.97 ? 10  DG  B C4    1 
ATOM   450 P  P     . DC  B 1 11 ? 14.336  6.498   3.362   1.00 60.52 ? 11  DC  B P     1 
ATOM   451 O  OP1   . DC  B 1 11 ? 14.922  6.750   2.020   1.00 59.11 ? 11  DC  B OP1   1 
ATOM   452 O  OP2   . DC  B 1 11 ? 15.095  5.691   4.359   1.00 53.03 ? 11  DC  B OP2   1 
ATOM   453 O  "O5'" . DC  B 1 11 ? 13.948  7.900   4.006   1.00 56.05 ? 11  DC  B "O5'" 1 
ATOM   454 C  "C5'" . DC  B 1 11 ? 12.951  8.727   3.401   1.00 50.55 ? 11  DC  B "C5'" 1 
ATOM   455 C  "C4'" . DC  B 1 11 ? 12.140  9.423   4.467   1.00 50.03 ? 11  DC  B "C4'" 1 
ATOM   456 O  "O4'" . DC  B 1 11 ? 11.208  8.496   5.068   1.00 45.38 ? 11  DC  B "O4'" 1 
ATOM   457 C  "C3'" . DC  B 1 11 ? 12.996  9.974   5.609   1.00 46.45 ? 11  DC  B "C3'" 1 
ATOM   458 O  "O3'" . DC  B 1 11 ? 12.984  11.401  5.636   1.00 43.34 ? 11  DC  B "O3'" 1 
ATOM   459 C  "C2'" . DC  B 1 11 ? 12.375  9.406   6.872   1.00 42.12 ? 11  DC  B "C2'" 1 
ATOM   460 C  "C1'" . DC  B 1 11 ? 11.033  8.859   6.421   1.00 41.95 ? 11  DC  B "C1'" 1 
ATOM   461 N  N1    . DC  B 1 11 ? 10.639  7.657   7.161   1.00 34.90 ? 11  DC  B N1    1 
ATOM   462 C  C2    . DC  B 1 11 ? 9.436   7.665   7.865   1.00 35.95 ? 11  DC  B C2    1 
ATOM   463 O  O2    . DC  B 1 11 ? 8.738   8.695   7.846   1.00 31.86 ? 11  DC  B O2    1 
ATOM   464 N  N3    . DC  B 1 11 ? 9.067   6.562   8.552   1.00 35.74 ? 11  DC  B N3    1 
ATOM   465 C  C4    . DC  B 1 11 ? 9.861   5.489   8.566   1.00 36.57 ? 11  DC  B C4    1 
ATOM   466 N  N4    . DC  B 1 11 ? 9.471   4.433   9.275   1.00 33.19 ? 11  DC  B N4    1 
ATOM   467 C  C5    . DC  B 1 11 ? 11.095  5.455   7.856   1.00 34.91 ? 11  DC  B C5    1 
ATOM   468 C  C6    . DC  B 1 11 ? 11.438  6.549   7.170   1.00 36.59 ? 11  DC  B C6    1 
ATOM   469 P  P     . DG  B 1 12 ? 13.933  12.176  6.676   1.00 47.64 ? 12  DG  B P     1 
ATOM   470 O  OP1   . DG  B 1 12 ? 14.428  13.411  6.026   1.00 55.94 ? 12  DG  B OP1   1 
ATOM   471 O  OP2   . DG  B 1 12 ? 14.901  11.195  7.232   1.00 47.92 ? 12  DG  B OP2   1 
ATOM   472 O  "O5'" . DG  B 1 12 ? 12.943  12.611  7.847   1.00 39.78 ? 12  DG  B "O5'" 1 
ATOM   473 C  "C5'" . DG  B 1 12 ? 11.783  13.382  7.572   1.00 33.66 ? 12  DG  B "C5'" 1 
ATOM   474 C  "C4'" . DG  B 1 12 ? 10.766  13.177  8.669   1.00 26.43 ? 12  DG  B "C4'" 1 
ATOM   475 O  "O4'" . DG  B 1 12 ? 10.359  11.796  8.694   1.00 31.60 ? 12  DG  B "O4'" 1 
ATOM   476 C  "C3'" . DG  B 1 12 ? 11.296  13.421  10.071  1.00 28.38 ? 12  DG  B "C3'" 1 
ATOM   477 O  "O3'" . DG  B 1 12 ? 11.496  14.793  10.402  1.00 35.28 ? 12  DG  B "O3'" 1 
ATOM   478 C  "C2'" . DG  B 1 12 ? 10.327  12.630  10.927  1.00 28.36 ? 12  DG  B "C2'" 1 
ATOM   479 C  "C1'" . DG  B 1 12 ? 9.903   11.483  10.012  1.00 30.57 ? 12  DG  B "C1'" 1 
ATOM   480 N  N9    . DG  B 1 12 ? 10.471  10.192  10.384  1.00 30.99 ? 12  DG  B N9    1 
ATOM   481 C  C8    . DG  B 1 12 ? 11.716  9.704   10.063  1.00 33.64 ? 12  DG  B C8    1 
ATOM   482 N  N7    . DG  B 1 12 ? 11.918  8.489   10.499  1.00 29.56 ? 12  DG  B N7    1 
ATOM   483 C  C5    . DG  B 1 12 ? 10.740  8.162   11.158  1.00 28.55 ? 12  DG  B C5    1 
ATOM   484 C  C6    . DG  B 1 12 ? 10.362  6.977   11.838  1.00 31.04 ? 12  DG  B C6    1 
ATOM   485 O  O6    . DG  B 1 12 ? 11.009  5.929   11.989  1.00 33.05 ? 12  DG  B O6    1 
ATOM   486 N  N1    . DG  B 1 12 ? 9.087   7.089   12.383  1.00 30.28 ? 12  DG  B N1    1 
ATOM   487 C  C2    . DG  B 1 12 ? 8.282   8.197   12.287  1.00 28.34 ? 12  DG  B C2    1 
ATOM   488 N  N2    . DG  B 1 12 ? 7.100   8.129   12.897  1.00 27.72 ? 12  DG  B N2    1 
ATOM   489 N  N3    . DG  B 1 12 ? 8.617   9.296   11.646  1.00 31.20 ? 12  DG  B N3    1 
ATOM   490 C  C4    . DG  B 1 12 ? 9.846   9.213   11.111  1.00 31.71 ? 12  DG  B C4    1 
HETATM 491 NA NA    . NA  C 2 .  ? 2.882   -4.547  -0.868  1.00 45.11 ? 201 NA  B NA    1 
HETATM 492 O  O     . HOH D 3 .  ? -5.476  -7.062  -1.741  1.00 32.33 ? 13  HOH A O     1 
HETATM 493 O  O     . HOH D 3 .  ? 5.631   -0.634  -1.147  1.00 33.13 ? 14  HOH A O     1 
HETATM 494 O  O     . HOH D 3 .  ? -3.402  -8.319  -0.260  1.00 35.58 ? 15  HOH A O     1 
HETATM 495 O  O     . HOH D 3 .  ? -2.355  2.927   -4.627  1.00 44.39 ? 16  HOH A O     1 
HETATM 496 O  O     . HOH D 3 .  ? 1.526   -6.996  -0.487  1.00 35.56 ? 17  HOH A O     1 
HETATM 497 O  O     . HOH D 3 .  ? -1.693  -0.417  -8.168  1.00 33.64 ? 18  HOH A O     1 
HETATM 498 O  O     . HOH D 3 .  ? 4.433   1.433   12.229  1.00 45.54 ? 19  HOH A O     1 
HETATM 499 O  O     . HOH D 3 .  ? -7.075  -13.097 -9.351  1.00 38.22 ? 20  HOH A O     1 
HETATM 500 O  O     . HOH D 3 .  ? 8.705   -1.389  15.347  1.00 46.19 ? 21  HOH A O     1 
HETATM 501 O  O     . HOH D 3 .  ? 7.936   -0.001  18.131  1.00 38.64 ? 22  HOH A O     1 
HETATM 502 O  O     . HOH D 3 .  ? -2.404  13.693  9.335   1.00 50.61 ? 23  HOH A O     1 
HETATM 503 O  O     . HOH D 3 .  ? -2.948  4.218   -0.532  1.00 45.68 ? 24  HOH A O     1 
HETATM 504 O  O     . HOH D 3 .  ? -1.294  4.810   -2.488  1.00 45.30 ? 25  HOH A O     1 
HETATM 505 O  O     . HOH D 3 .  ? 6.394   4.209   -0.412  1.00 48.17 ? 26  HOH A O     1 
HETATM 506 O  O     . HOH D 3 .  ? -0.549  -10.488 -7.309  1.00 47.51 ? 27  HOH A O     1 
HETATM 507 O  O     . HOH D 3 .  ? -4.870  -11.846 -11.306 1.00 48.97 ? 28  HOH A O     1 
HETATM 508 O  O     . HOH D 3 .  ? 2.561   -9.609  0.029   1.00 43.08 ? 29  HOH A O     1 
HETATM 509 O  O     . HOH D 3 .  ? 2.224   15.657  5.716   1.00 55.07 ? 30  HOH A O     1 
HETATM 510 O  O     . HOH D 3 .  ? 9.855   -3.969  14.906  1.00 55.89 ? 31  HOH A O     1 
HETATM 511 O  O     . HOH D 3 .  ? -4.835  -9.402  -12.177 1.00 54.73 ? 32  HOH A O     1 
HETATM 512 O  O     . HOH D 3 .  ? -11.874 -17.800 -0.410  1.00 55.16 ? 33  HOH A O     1 
HETATM 513 O  O     . HOH D 3 .  ? -6.836  9.432   14.234  1.00 63.54 ? 34  HOH A O     1 
HETATM 514 O  O     . HOH D 3 .  ? -2.160  13.170  11.847  1.00 74.17 ? 35  HOH A O     1 
HETATM 515 O  O     . HOH D 3 .  ? 6.519   8.324   -8.324  1.00 53.88 ? 36  HOH A O     1 
HETATM 516 O  O     . HOH D 3 .  ? -1.346  2.454   21.073  1.00 63.01 ? 37  HOH A O     1 
HETATM 517 O  O     . HOH D 3 .  ? 7.606   12.424  0.243   1.00 55.64 ? 38  HOH A O     1 
HETATM 518 O  O     . HOH D 3 .  ? -2.274  -10.148 -9.284  1.00 63.87 ? 39  HOH A O     1 
HETATM 519 O  O     . HOH D 3 .  ? 5.121   11.454  1.139   1.00 45.58 ? 40  HOH A O     1 
HETATM 520 O  O     . HOH D 3 .  ? 10.425  14.473  -0.602  1.00 60.28 ? 41  HOH A O     1 
HETATM 521 O  O     . HOH D 3 .  ? -1.637  4.460   -7.007  1.00 62.97 ? 42  HOH A O     1 
HETATM 522 O  O     . HOH D 3 .  ? -3.303  6.840   4.057   1.00 60.90 ? 43  HOH A O     1 
HETATM 523 O  O     . HOH D 3 .  ? -2.576  4.388   12.901  1.00 60.47 ? 44  HOH A O     1 
HETATM 524 O  O     . HOH D 3 .  ? 4.277   13.865  3.278   1.00 51.17 ? 45  HOH A O     1 
HETATM 525 O  O     . HOH D 3 .  ? -2.052  3.630   3.582   1.00 54.25 ? 46  HOH A O     1 
HETATM 526 O  O     . HOH D 3 .  ? 0.093   -10.638 1.040   1.00 50.28 ? 47  HOH A O     1 
HETATM 527 O  O     . HOH D 3 .  ? -2.044  5.393   1.714   1.00 69.00 ? 48  HOH A O     1 
HETATM 528 O  O     . HOH D 3 .  ? 11.707  12.146  -0.687  1.00 61.61 ? 49  HOH A O     1 
HETATM 529 O  O     . HOH D 3 .  ? 16.602  -5.624  13.721  1.00 65.57 ? 50  HOH A O     1 
HETATM 530 O  O     . HOH D 3 .  ? 13.346  15.686  1.279   1.00 55.87 ? 51  HOH A O     1 
HETATM 531 O  O     . HOH D 3 .  ? 2.501   18.411  6.658   1.00 70.67 ? 52  HOH A O     1 
HETATM 532 O  O     . HOH D 3 .  ? 1.200   1.077   8.778   1.00 65.37 ? 53  HOH A O     1 
HETATM 533 O  O     . HOH D 3 .  ? -3.367  7.144   6.703   1.00 62.43 ? 54  HOH A O     1 
HETATM 534 O  O     . HOH D 3 .  ? 6.371   -9.280  -3.002  1.00 65.70 ? 55  HOH A O     1 
HETATM 535 O  O     . HOH D 3 .  ? -0.263  7.687   -4.335  1.00 68.05 ? 56  HOH A O     1 
HETATM 536 O  O     . HOH D 3 .  ? 8.260   15.929  0.013   1.00 66.08 ? 57  HOH A O     1 
HETATM 537 O  O     . HOH D 3 .  ? 8.782   9.488   0.062   1.00 82.49 ? 58  HOH A O     1 
HETATM 538 O  O     . HOH D 3 .  ? 11.527  -3.487  10.939  1.00 70.44 ? 59  HOH A O     1 
HETATM 539 O  O     . HOH D 3 .  ? 12.277  6.155   21.523  1.00 64.72 ? 60  HOH A O     1 
HETATM 540 O  O     . HOH D 3 .  ? 18.780  -2.123  15.030  1.00 56.70 ? 61  HOH A O     1 
HETATM 541 O  O     . HOH D 3 .  ? 9.062   0.348   11.103  1.00 62.19 ? 62  HOH A O     1 
HETATM 542 O  O     . HOH D 3 .  ? -1.223  -6.837  -0.874  1.00 31.39 ? 63  HOH A O     1 
HETATM 543 O  O     . HOH E 3 .  ? -5.943  0.688   0.834   1.00 36.66 ? 202 HOH B O     1 
HETATM 544 O  O     . HOH E 3 .  ? 9.016   17.469  9.799   1.00 32.78 ? 203 HOH B O     1 
HETATM 545 O  O     . HOH E 3 .  ? 10.648  19.660  9.221   1.00 43.76 ? 204 HOH B O     1 
HETATM 546 O  O     . HOH E 3 .  ? -4.563  2.030   -0.924  1.00 37.60 ? 205 HOH B O     1 
HETATM 547 O  O     . HOH E 3 .  ? -6.439  1.650   -3.233  1.00 45.18 ? 206 HOH B O     1 
HETATM 548 O  O     . HOH E 3 .  ? -8.311  4.484   0.478   1.00 56.19 ? 207 HOH B O     1 
HETATM 549 O  O     . HOH E 3 .  ? -5.493  -3.688  6.248   1.00 55.79 ? 208 HOH B O     1 
HETATM 550 O  O     . HOH E 3 .  ? 19.063  14.732  4.844   1.00 51.37 ? 209 HOH B O     1 
HETATM 551 O  O     . HOH E 3 .  ? 0.539   -5.597  7.423   1.00 50.54 ? 210 HOH B O     1 
HETATM 552 O  O     . HOH E 3 .  ? 11.493  16.978  8.601   1.00 39.02 ? 211 HOH B O     1 
HETATM 553 O  O     . HOH E 3 .  ? -5.796  1.105   -8.094  1.00 49.12 ? 212 HOH B O     1 
HETATM 554 O  O     . HOH E 3 .  ? -3.078  1.626   6.356   1.00 52.82 ? 213 HOH B O     1 
HETATM 555 O  O     . HOH E 3 .  ? -3.509  1.566   2.793   1.00 51.51 ? 214 HOH B O     1 
HETATM 556 O  O     . HOH E 3 .  ? 17.407  11.541  4.916   1.00 61.48 ? 215 HOH B O     1 
HETATM 557 O  O     . HOH E 3 .  ? 10.730  21.011  7.109   1.00 50.66 ? 216 HOH B O     1 
HETATM 558 O  O     . HOH E 3 .  ? -4.197  -1.396  -9.401  1.00 38.58 ? 217 HOH B O     1 
HETATM 559 O  O     . HOH E 3 .  ? 3.933   -8.863  8.271   1.00 70.35 ? 218 HOH B O     1 
HETATM 560 O  O     . HOH E 3 .  ? -8.493  0.534   1.147   1.00 51.65 ? 219 HOH B O     1 
HETATM 561 O  O     . HOH E 3 .  ? 18.779  5.124   5.256   1.00 65.49 ? 220 HOH B O     1 
HETATM 562 O  O     . HOH E 3 .  ? -4.757  -7.058  -13.399 1.00 63.13 ? 221 HOH B O     1 
HETATM 563 O  O     . HOH E 3 .  ? 14.582  7.832   9.821   1.00 50.26 ? 222 HOH B O     1 
HETATM 564 O  O     . HOH E 3 .  ? 18.542  8.130   14.619  1.00 76.52 ? 223 HOH B O     1 
HETATM 565 O  O     . HOH E 3 .  ? -0.176  0.128   6.491   1.00 43.82 ? 224 HOH B O     1 
HETATM 566 O  O     . HOH E 3 .  ? 8.528   5.648   1.323   1.00 79.47 ? 225 HOH B O     1 
HETATM 567 O  O     . HOH E 3 .  ? 12.406  21.848  0.200   1.00 61.19 ? 226 HOH B O     1 
HETATM 568 O  O     . HOH E 3 .  ? 9.174   7.363   3.560   1.00 52.50 ? 227 HOH B O     1 
HETATM 569 O  O     . HOH E 3 .  ? -3.659  -3.503  -13.122 1.00 52.47 ? 228 HOH B O     1 
HETATM 570 O  O     . HOH E 3 .  ? 5.407   -3.651  -1.785  1.00 40.53 ? 229 HOH B O     1 
HETATM 571 O  O     . HOH E 3 .  ? 2.061   -2.485  9.622   1.00 65.49 ? 230 HOH B O     1 
HETATM 572 O  O     . HOH E 3 .  ? 10.519  18.235  0.198   1.00 53.03 ? 231 HOH B O     1 
HETATM 573 O  O     . HOH E 3 .  ? -6.938  1.503   -11.516 1.00 47.75 ? 232 HOH B O     1 
HETATM 574 O  O     . HOH E 3 .  ? 12.172  20.475  3.194   1.00 64.31 ? 233 HOH B O     1 
HETATM 575 O  O     . HOH E 3 .  ? 7.686   -5.170  -1.784  1.00 44.01 ? 234 HOH B O     1 
HETATM 576 O  O     . HOH E 3 .  ? -5.622  -2.140  -15.369 1.00 60.59 ? 235 HOH B O     1 
HETATM 577 O  O     . HOH E 3 .  ? 22.192  15.602  9.035   1.00 52.07 ? 236 HOH B O     1 
HETATM 578 O  O     . HOH E 3 .  ? 11.914  15.373  3.660   1.00 58.16 ? 237 HOH B O     1 
HETATM 579 O  O     . HOH E 3 .  ? -6.471  -2.576  4.153   1.00 40.11 ? 238 HOH B O     1 
HETATM 580 O  O     . HOH E 3 .  ? 9.688   19.305  2.967   1.00 72.67 ? 239 HOH B O     1 
HETATM 581 O  O     . HOH E 3 .  ? 21.495  14.987  5.829   1.00 67.66 ? 240 HOH B O     1 
HETATM 582 O  O     . HOH E 3 .  ? -11.216 4.338   -16.477 1.00 64.49 ? 241 HOH B O     1 
HETATM 583 O  O     . HOH E 3 .  ? -7.994  -7.192  6.232   1.00 62.55 ? 242 HOH B O     1 
HETATM 584 O  O     . HOH E 3 .  ? 5.954   18.589  -1.118  1.00 60.77 ? 243 HOH B O     1 
HETATM 585 O  O     . HOH E 3 .  ? -14.173 6.523   -9.244  1.00 61.52 ? 244 HOH B O     1 
HETATM 586 O  O     . HOH E 3 .  ? 11.735  2.290   9.224   1.00 57.57 ? 245 HOH B O     1 
HETATM 587 O  O     . HOH E 3 .  ? -1.428  3.863   7.752   1.00 68.18 ? 246 HOH B O     1 
HETATM 588 O  O     . HOH E 3 .  ? 7.898   20.938  -1.080  1.00 54.90 ? 247 HOH B O     1 
HETATM 589 O  O     . HOH E 3 .  ? 16.962  8.215   11.550  1.00 65.30 ? 248 HOH B O     1 
HETATM 590 O  O     . HOH E 3 .  ? 20.897  7.178   6.347   1.00 59.76 ? 249 HOH B O     1 
HETATM 591 O  O     . HOH E 3 .  ? -1.398  -2.010  7.543   1.00 46.02 ? 250 HOH B O     1 
HETATM 592 O  O     . HOH E 3 .  ? -4.129  -2.158  7.799   1.00 64.82 ? 251 HOH B O     1 
HETATM 593 O  O     . HOH E 3 .  ? 9.163   -2.606  5.060   1.00 59.90 ? 252 HOH B O     1 
# 
